data_4RLF
#
_entry.id   4RLF
#
_cell.length_a   58.716
_cell.length_b   95.366
_cell.length_c   95.785
_cell.angle_alpha   90.00
_cell.angle_beta   104.69
_cell.angle_gamma   90.00
#
_symmetry.space_group_name_H-M   'P 1 21 1'
#
loop_
_entity.id
_entity.type
_entity.pdbx_description
1 polymer 'Benzoate-coenzyme A ligase'
2 non-polymer '2-methylbenzoic acid'
3 non-polymer '4-METHYLBENZOIC ACID'
4 non-polymer GLYCEROL
5 water water
#
_entity_poly.entity_id   1
_entity_poly.type   'polypeptide(L)'
_entity_poly.pdbx_seq_one_letter_code
;VTPPPEKFNFAEHLLQTNRVRPDKTAFVDDISSLSFAQLEAQTRQLAAALRAIGVKREERVLLLMLDGTDWPVAFLGAIY
AGIVPVAVNTLLTADDYAYMLEHSRAQAVLVSGALHPVLKAALTKSDHEVQRVIVSRPAAPLEPGEVDFAEFVGAHAPLE
KPAATQADDPAFWLYSSGSTGRPKGVVHTHANPYWTSELYGRNTLHLREDDVCFSAAKLFFAYGLGNALTFPMTVGATTL
LMGERPTPDAVFKRWLGGVGGVKPTVFYGAPTGYAGMLAAPNLPSRDQVALRLASSAGEALPAEIGQRFQRHFGLDIVDG
IGSTEMLHIFLSNLPDRVRYGTTGWPVPGYQIELRGDGGGPVADGEPGDLYIHGPSSATMYWGNRAKSRDTFQGGWTKSG
DKYVRNDDGSYTYAGRTDDMLKVSGIYVSPFEIEATLVQHPGVLEAAVVGVADEHGLTKPKAYVVPRPGQTLSETELKTF
IKDRLAPYKYPRSTVFVAELPKTATGKIQRFKLREGVLG
;
_entity_poly.pdbx_strand_id   A,B
#
# COMPACT_ATOMS: atom_id res chain seq x y z
N VAL A 1 -33.97 24.93 16.14
CA VAL A 1 -33.00 25.35 15.08
C VAL A 1 -33.67 25.32 13.69
N THR A 2 -33.51 26.41 12.97
CA THR A 2 -34.14 26.55 11.62
C THR A 2 -33.31 25.69 10.64
N PRO A 3 -33.95 24.91 9.77
CA PRO A 3 -33.14 24.21 8.78
C PRO A 3 -32.41 25.19 7.89
N PRO A 4 -31.28 24.77 7.30
CA PRO A 4 -30.61 25.60 6.37
C PRO A 4 -31.50 25.67 5.08
N PRO A 5 -31.40 26.74 4.29
CA PRO A 5 -32.17 26.79 3.01
C PRO A 5 -31.74 25.72 2.02
N GLU A 6 -32.58 25.42 1.05
CA GLU A 6 -32.15 24.37 0.10
C GLU A 6 -31.00 24.73 -0.79
N LYS A 7 -30.83 26.02 -1.13
CA LYS A 7 -29.64 26.52 -1.82
C LYS A 7 -28.74 27.02 -0.70
N PHE A 8 -27.66 26.28 -0.53
CA PHE A 8 -26.81 26.43 0.68
C PHE A 8 -25.40 25.95 0.36
N ASN A 9 -24.46 26.92 0.50
CA ASN A 9 -23.03 26.62 0.41
C ASN A 9 -22.44 26.91 1.82
N PHE A 10 -21.92 25.87 2.46
CA PHE A 10 -21.56 25.97 3.86
C PHE A 10 -20.43 26.96 4.06
N ALA A 11 -19.47 27.04 3.15
CA ALA A 11 -18.39 28.05 3.22
C ALA A 11 -18.95 29.48 3.17
N GLU A 12 -19.83 29.73 2.20
CA GLU A 12 -20.47 31.04 2.11
C GLU A 12 -21.19 31.38 3.42
N HIS A 13 -21.88 30.40 3.97
CA HIS A 13 -22.57 30.56 5.24
C HIS A 13 -21.63 31.03 6.36
N LEU A 14 -20.51 30.34 6.53
CA LEU A 14 -19.50 30.79 7.54
C LEU A 14 -18.88 32.13 7.26
N LEU A 15 -18.66 32.43 6.00
CA LEU A 15 -18.10 33.77 5.66
C LEU A 15 -19.13 34.85 5.92
N GLN A 16 -20.39 34.57 5.58
CA GLN A 16 -21.44 35.60 5.73
C GLN A 16 -21.66 35.86 7.22
N THR A 17 -21.63 34.79 8.04
CA THR A 17 -21.84 34.90 9.47
C THR A 17 -20.84 35.95 10.10
N ASN A 18 -19.64 36.03 9.57
CA ASN A 18 -18.54 36.80 10.20
C ASN A 18 -18.26 38.11 9.56
N ARG A 19 -19.13 38.51 8.59
CA ARG A 19 -18.98 39.85 7.99
C ARG A 19 -19.23 40.98 9.00
N VAL A 20 -19.92 40.67 10.07
CA VAL A 20 -20.03 41.61 11.23
C VAL A 20 -18.76 41.83 12.03
N ARG A 21 -17.76 40.97 11.89
CA ARG A 21 -16.54 41.07 12.71
C ARG A 21 -15.25 40.91 11.90
N PRO A 22 -15.12 41.71 10.84
CA PRO A 22 -14.01 41.56 9.89
C PRO A 22 -12.63 41.60 10.55
N ASP A 23 -12.47 42.39 11.62
CA ASP A 23 -11.17 42.54 12.21
C ASP A 23 -10.86 41.70 13.45
N LYS A 24 -11.76 40.84 13.85
CA LYS A 24 -11.47 39.93 14.95
C LYS A 24 -10.60 38.82 14.38
N THR A 25 -9.73 38.27 15.22
CA THR A 25 -8.90 37.15 14.79
C THR A 25 -9.77 35.89 14.62
N ALA A 26 -9.69 35.29 13.44
CA ALA A 26 -10.40 34.04 13.18
C ALA A 26 -9.53 32.86 13.63
N PHE A 27 -8.26 32.85 13.18
CA PHE A 27 -7.34 31.69 13.45
C PHE A 27 -5.95 32.26 13.76
N VAL A 28 -5.26 31.64 14.70
CA VAL A 28 -3.90 32.00 15.00
C VAL A 28 -3.13 30.72 15.31
N ASP A 29 -1.91 30.65 14.79
CA ASP A 29 -1.03 29.53 15.06
C ASP A 29 0.36 30.12 15.50
N ASP A 30 1.40 29.28 15.56
CA ASP A 30 2.68 29.74 16.13
C ASP A 30 3.28 30.85 15.30
N ILE A 31 2.99 30.90 14.02
CA ILE A 31 3.71 31.86 13.13
C ILE A 31 2.81 32.83 12.35
N SER A 32 1.49 32.76 12.49
CA SER A 32 0.63 33.54 11.59
C SER A 32 -0.74 33.73 12.25
N SER A 33 -1.51 34.67 11.75
CA SER A 33 -2.89 34.89 12.12
C SER A 33 -3.73 35.38 10.92
N LEU A 34 -5.02 35.04 10.93
CA LEU A 34 -6.00 35.58 9.95
C LEU A 34 -7.13 36.21 10.75
N SER A 35 -7.46 37.48 10.45
CA SER A 35 -8.73 38.04 10.80
C SER A 35 -9.86 37.41 9.97
N PHE A 36 -11.12 37.54 10.39
CA PHE A 36 -12.21 36.98 9.55
C PHE A 36 -12.20 37.56 8.12
N ALA A 37 -11.84 38.84 8.01
CA ALA A 37 -11.68 39.48 6.66
C ALA A 37 -10.56 38.89 5.83
N GLN A 38 -9.41 38.67 6.46
CA GLN A 38 -8.30 38.04 5.76
C GLN A 38 -8.61 36.60 5.34
N LEU A 39 -9.29 35.87 6.24
CA LEU A 39 -9.70 34.49 5.95
C LEU A 39 -10.66 34.44 4.75
N GLU A 40 -11.65 35.33 4.76
CA GLU A 40 -12.56 35.47 3.59
C GLU A 40 -11.82 35.74 2.30
N ALA A 41 -10.90 36.71 2.27
CA ALA A 41 -10.13 37.00 1.11
C ALA A 41 -9.34 35.77 0.63
N GLN A 42 -8.60 35.16 1.52
CA GLN A 42 -7.75 34.07 1.09
C GLN A 42 -8.58 32.84 0.69
N THR A 43 -9.66 32.59 1.43
CA THR A 43 -10.62 31.52 1.09
C THR A 43 -11.08 31.68 -0.37
N ARG A 44 -11.55 32.88 -0.71
CA ARG A 44 -12.04 33.11 -2.04
C ARG A 44 -11.02 33.11 -3.19
N GLN A 45 -9.80 33.52 -2.89
CA GLN A 45 -8.70 33.49 -3.85
C GLN A 45 -8.28 32.02 -4.04
N LEU A 46 -8.30 31.23 -2.98
CA LEU A 46 -7.98 29.80 -3.13
C LEU A 46 -9.02 29.16 -4.00
N ALA A 47 -10.27 29.47 -3.77
CA ALA A 47 -11.38 28.93 -4.55
C ALA A 47 -11.12 29.26 -6.09
N ALA A 48 -10.71 30.51 -6.36
CA ALA A 48 -10.35 30.92 -7.72
C ALA A 48 -9.19 30.16 -8.24
N ALA A 49 -8.20 29.96 -7.43
CA ALA A 49 -6.97 29.28 -7.86
C ALA A 49 -7.25 27.83 -8.26
N LEU A 50 -8.06 27.13 -7.46
CA LEU A 50 -8.38 25.73 -7.78
C LEU A 50 -9.19 25.69 -9.11
N ARG A 51 -10.12 26.61 -9.28
CA ARG A 51 -10.90 26.62 -10.55
C ARG A 51 -10.01 26.95 -11.75
N ALA A 52 -9.04 27.85 -11.55
CA ALA A 52 -8.14 28.26 -12.64
C ALA A 52 -7.28 27.12 -13.14
N ILE A 53 -6.93 26.17 -12.27
CA ILE A 53 -6.16 25.00 -12.71
C ILE A 53 -7.07 23.86 -13.21
N GLY A 54 -8.36 24.09 -13.35
CA GLY A 54 -9.23 23.17 -14.05
C GLY A 54 -10.03 22.26 -13.19
N VAL A 55 -9.99 22.42 -11.86
CA VAL A 55 -10.76 21.53 -11.00
C VAL A 55 -12.20 21.96 -11.06
N LYS A 56 -13.08 21.03 -11.35
CA LYS A 56 -14.46 21.32 -11.54
C LYS A 56 -15.29 21.09 -10.28
N ARG A 57 -16.44 21.74 -10.26
CA ARG A 57 -17.45 21.41 -9.28
C ARG A 57 -17.69 19.91 -9.20
N GLU A 58 -17.77 19.44 -7.96
CA GLU A 58 -18.02 18.08 -7.46
C GLU A 58 -16.72 17.26 -7.47
N GLU A 59 -15.65 17.71 -8.14
CA GLU A 59 -14.38 16.93 -8.09
C GLU A 59 -13.76 17.07 -6.71
N ARG A 60 -12.89 16.12 -6.39
CA ARG A 60 -12.24 16.05 -5.08
C ARG A 60 -10.83 16.66 -5.14
N VAL A 61 -10.38 17.17 -4.01
CA VAL A 61 -8.99 17.48 -3.76
C VAL A 61 -8.59 16.90 -2.42
N LEU A 62 -7.33 16.49 -2.30
CA LEU A 62 -6.86 15.92 -1.06
C LEU A 62 -6.27 17.01 -0.23
N LEU A 63 -6.73 17.08 1.00
CA LEU A 63 -6.21 18.06 1.96
C LEU A 63 -5.47 17.31 3.08
N LEU A 64 -4.12 17.39 3.00
CA LEU A 64 -3.22 16.63 3.88
C LEU A 64 -2.32 17.65 4.54
N MET A 65 -2.81 18.21 5.62
CA MET A 65 -2.12 19.37 6.20
C MET A 65 -2.17 19.35 7.70
N LEU A 66 -1.05 19.79 8.29
CA LEU A 66 -1.00 20.07 9.74
C LEU A 66 -1.99 21.19 10.13
N ASP A 67 -2.42 21.22 11.39
CA ASP A 67 -3.23 22.28 11.86
C ASP A 67 -2.43 23.58 11.79
N GLY A 68 -3.03 24.60 11.19
CA GLY A 68 -2.39 25.92 11.02
C GLY A 68 -3.35 26.78 10.26
N THR A 69 -3.08 28.10 10.13
CA THR A 69 -4.01 29.01 9.47
C THR A 69 -4.29 28.70 8.02
N ASP A 70 -3.41 27.99 7.30
CA ASP A 70 -3.74 27.62 5.94
C ASP A 70 -4.81 26.54 5.85
N TRP A 71 -4.96 25.75 6.91
CA TRP A 71 -5.93 24.64 6.89
C TRP A 71 -7.39 25.07 6.60
N PRO A 72 -7.92 26.06 7.38
CA PRO A 72 -9.28 26.49 7.04
C PRO A 72 -9.41 27.20 5.67
N VAL A 73 -8.35 27.88 5.22
CA VAL A 73 -8.35 28.48 3.88
C VAL A 73 -8.51 27.37 2.83
N ALA A 74 -7.73 26.29 2.98
CA ALA A 74 -7.82 25.19 2.05
C ALA A 74 -9.22 24.54 2.06
N PHE A 75 -9.72 24.26 3.27
CA PHE A 75 -11.02 23.56 3.46
C PHE A 75 -12.21 24.41 2.91
N LEU A 76 -12.27 25.65 3.40
CA LEU A 76 -13.35 26.52 3.03
C LEU A 76 -13.22 26.97 1.61
N GLY A 77 -12.00 27.12 1.10
CA GLY A 77 -11.84 27.56 -0.26
C GLY A 77 -12.32 26.56 -1.27
N ALA A 78 -11.95 25.30 -1.07
CA ALA A 78 -12.50 24.22 -1.88
C ALA A 78 -14.03 24.25 -1.85
N ILE A 79 -14.64 24.28 -0.67
CA ILE A 79 -16.08 24.21 -0.52
C ILE A 79 -16.78 25.44 -1.16
N TYR A 80 -16.13 26.60 -1.08
CA TYR A 80 -16.70 27.88 -1.64
C TYR A 80 -16.84 27.69 -3.17
N ALA A 81 -15.82 27.05 -3.73
CA ALA A 81 -15.77 26.72 -5.16
C ALA A 81 -16.69 25.56 -5.62
N GLY A 82 -17.28 24.84 -4.68
CA GLY A 82 -18.05 23.62 -4.94
C GLY A 82 -17.21 22.39 -5.27
N ILE A 83 -15.96 22.47 -4.84
CA ILE A 83 -14.98 21.39 -4.92
C ILE A 83 -15.01 20.69 -3.58
N VAL A 84 -14.75 19.39 -3.56
CA VAL A 84 -14.92 18.54 -2.39
C VAL A 84 -13.56 18.20 -1.77
N PRO A 85 -13.16 18.90 -0.70
CA PRO A 85 -11.92 18.52 0.00
C PRO A 85 -12.11 17.24 0.77
N VAL A 86 -11.12 16.42 0.68
CA VAL A 86 -11.04 15.16 1.35
C VAL A 86 -9.98 15.33 2.41
N ALA A 87 -10.42 15.58 3.64
CA ALA A 87 -9.56 15.99 4.75
C ALA A 87 -9.03 14.79 5.50
N VAL A 88 -7.71 14.59 5.46
CA VAL A 88 -7.19 13.28 5.99
C VAL A 88 -6.16 13.38 7.11
N ASN A 89 -6.09 12.29 7.87
CA ASN A 89 -5.08 12.06 8.95
C ASN A 89 -3.65 12.32 8.40
N THR A 90 -2.83 13.00 9.20
CA THR A 90 -1.51 13.38 8.77
C THR A 90 -0.46 12.33 9.22
N LEU A 91 -0.89 11.21 9.81
CA LEU A 91 0.07 10.27 10.39
C LEU A 91 -0.08 8.91 9.67
N LEU A 92 -0.58 8.91 8.44
CA LEU A 92 -0.71 7.68 7.66
C LEU A 92 0.59 7.39 6.81
N THR A 93 0.54 6.24 6.17
CA THR A 93 1.65 5.82 5.25
C THR A 93 1.42 6.26 3.83
N ALA A 94 2.48 6.28 3.03
CA ALA A 94 2.38 6.52 1.59
C ALA A 94 1.32 5.58 0.95
N ASP A 95 1.29 4.34 1.38
CA ASP A 95 0.33 3.41 0.81
C ASP A 95 -1.12 3.82 1.07
N ASP A 96 -1.37 4.30 2.28
CA ASP A 96 -2.70 4.75 2.63
C ASP A 96 -3.12 5.93 1.72
N TYR A 97 -2.24 6.93 1.57
CA TYR A 97 -2.53 8.05 0.73
C TYR A 97 -2.64 7.70 -0.72
N ALA A 98 -1.89 6.72 -1.18
CA ALA A 98 -1.97 6.26 -2.60
C ALA A 98 -3.39 5.73 -2.82
N TYR A 99 -3.88 4.91 -1.89
CA TYR A 99 -5.24 4.38 -1.98
C TYR A 99 -6.23 5.57 -2.01
N MET A 100 -6.01 6.54 -1.14
CA MET A 100 -6.97 7.69 -1.08
C MET A 100 -6.95 8.53 -2.34
N LEU A 101 -5.75 8.74 -2.91
CA LEU A 101 -5.64 9.39 -4.21
C LEU A 101 -6.47 8.70 -5.28
N GLU A 102 -6.31 7.39 -5.36
CA GLU A 102 -7.00 6.63 -6.40
C GLU A 102 -8.50 6.57 -6.16
N HIS A 103 -8.84 6.33 -4.90
CA HIS A 103 -10.25 6.08 -4.52
C HIS A 103 -11.06 7.40 -4.69
N SER A 104 -10.48 8.52 -4.27
CA SER A 104 -11.14 9.85 -4.29
C SER A 104 -11.10 10.44 -5.70
N ARG A 105 -10.21 9.88 -6.53
CA ARG A 105 -9.84 10.49 -7.80
C ARG A 105 -9.46 11.98 -7.67
N ALA A 106 -8.77 12.31 -6.59
CA ALA A 106 -8.37 13.69 -6.34
C ALA A 106 -7.63 14.34 -7.51
N GLN A 107 -8.04 15.56 -7.83
CA GLN A 107 -7.50 16.32 -8.93
C GLN A 107 -6.39 17.24 -8.59
N ALA A 108 -6.23 17.53 -7.30
CA ALA A 108 -5.12 18.31 -6.77
C ALA A 108 -4.91 17.89 -5.33
N VAL A 109 -3.78 18.27 -4.80
CA VAL A 109 -3.46 18.04 -3.44
C VAL A 109 -2.89 19.29 -2.80
N LEU A 110 -3.38 19.57 -1.59
CA LEU A 110 -2.95 20.71 -0.76
C LEU A 110 -2.30 20.04 0.41
N VAL A 111 -1.00 20.23 0.52
CA VAL A 111 -0.19 19.43 1.46
C VAL A 111 0.78 20.33 2.23
N SER A 112 0.92 20.08 3.52
CA SER A 112 1.98 20.73 4.35
C SER A 112 3.39 20.27 3.91
N GLY A 113 4.32 21.19 3.88
CA GLY A 113 5.71 20.83 3.64
C GLY A 113 6.26 19.63 4.38
N ALA A 114 5.96 19.50 5.67
CA ALA A 114 6.37 18.37 6.46
C ALA A 114 5.82 17.03 5.91
N LEU A 115 4.69 17.08 5.21
CA LEU A 115 4.00 15.91 4.71
C LEU A 115 4.32 15.65 3.23
N HIS A 116 5.16 16.49 2.63
CA HIS A 116 5.42 16.34 1.22
C HIS A 116 6.15 15.02 0.89
N PRO A 117 7.08 14.59 1.76
CA PRO A 117 7.79 13.36 1.34
C PRO A 117 6.85 12.11 1.29
N VAL A 118 5.95 11.96 2.28
CA VAL A 118 5.02 10.85 2.26
C VAL A 118 4.09 10.95 1.07
N LEU A 119 3.71 12.18 0.70
CA LEU A 119 2.79 12.40 -0.39
C LEU A 119 3.50 12.05 -1.69
N LYS A 120 4.77 12.43 -1.81
CA LYS A 120 5.53 12.15 -3.01
C LYS A 120 5.60 10.64 -3.27
N ALA A 121 5.90 9.87 -2.24
CA ALA A 121 5.91 8.44 -2.34
C ALA A 121 4.53 7.90 -2.81
N ALA A 122 3.44 8.48 -2.26
CA ALA A 122 2.11 8.08 -2.68
C ALA A 122 1.85 8.37 -4.16
N LEU A 123 2.23 9.57 -4.62
CA LEU A 123 2.06 9.96 -6.03
C LEU A 123 2.87 9.04 -6.95
N THR A 124 4.05 8.67 -6.50
CA THR A 124 4.95 7.91 -7.38
C THR A 124 4.42 6.50 -7.61
N LYS A 125 3.75 5.94 -6.58
CA LYS A 125 3.35 4.55 -6.64
C LYS A 125 1.96 4.31 -7.21
N SER A 126 1.13 5.36 -7.35
CA SER A 126 -0.30 5.21 -7.60
C SER A 126 -0.70 5.61 -9.02
N ASP A 127 -1.89 5.13 -9.41
CA ASP A 127 -2.49 5.52 -10.67
C ASP A 127 -3.46 6.67 -10.38
N HIS A 128 -2.89 7.80 -10.04
CA HIS A 128 -3.66 8.96 -9.57
C HIS A 128 -3.98 9.91 -10.73
N GLU A 129 -4.84 10.89 -10.45
CA GLU A 129 -5.24 11.89 -11.44
C GLU A 129 -4.88 13.32 -10.97
N VAL A 130 -3.88 13.41 -10.11
CA VAL A 130 -3.46 14.73 -9.54
C VAL A 130 -2.83 15.66 -10.58
N GLN A 131 -3.48 16.82 -10.80
CA GLN A 131 -3.02 17.85 -11.77
C GLN A 131 -2.02 18.83 -11.18
N ARG A 132 -2.07 19.06 -9.87
CA ARG A 132 -1.25 20.05 -9.21
C ARG A 132 -1.07 19.69 -7.75
N VAL A 133 0.16 19.87 -7.28
CA VAL A 133 0.52 19.76 -5.86
C VAL A 133 0.84 21.15 -5.34
N ILE A 134 0.11 21.54 -4.28
CA ILE A 134 0.17 22.88 -3.71
C ILE A 134 0.67 22.71 -2.29
N VAL A 135 1.82 23.32 -2.01
CA VAL A 135 2.56 23.01 -0.80
C VAL A 135 2.50 24.18 0.14
N SER A 136 1.91 23.94 1.30
CA SER A 136 1.89 24.91 2.40
C SER A 136 3.11 24.81 3.27
N ARG A 137 3.90 25.90 3.35
CA ARG A 137 5.12 25.89 4.15
C ARG A 137 6.09 24.81 3.71
N PRO A 138 6.55 24.92 2.49
CA PRO A 138 7.49 23.89 2.03
C PRO A 138 8.72 23.75 2.93
N ALA A 139 9.17 22.50 3.13
CA ALA A 139 10.31 22.17 3.99
C ALA A 139 11.49 21.68 3.11
N ALA A 140 11.28 21.66 1.80
CA ALA A 140 12.31 21.28 0.83
C ALA A 140 11.98 21.96 -0.45
N PRO A 141 12.97 22.09 -1.35
CA PRO A 141 12.70 22.71 -2.64
C PRO A 141 11.51 22.11 -3.38
N LEU A 142 10.73 22.97 -3.99
CA LEU A 142 9.58 22.56 -4.76
C LEU A 142 10.05 21.87 -6.02
N GLU A 143 9.37 20.80 -6.39
CA GLU A 143 9.68 20.10 -7.62
C GLU A 143 9.02 20.80 -8.78
N PRO A 144 9.49 20.53 -10.00
CA PRO A 144 8.92 21.22 -11.17
C PRO A 144 7.42 21.08 -11.27
N GLY A 145 6.70 22.14 -11.52
CA GLY A 145 5.26 22.00 -11.59
C GLY A 145 4.48 22.24 -10.25
N GLU A 146 5.14 22.04 -9.09
CA GLU A 146 4.52 22.30 -7.77
C GLU A 146 4.47 23.79 -7.48
N VAL A 147 3.61 24.20 -6.56
CA VAL A 147 3.48 25.65 -6.33
C VAL A 147 3.37 25.82 -4.83
N ASP A 148 3.90 26.92 -4.33
CA ASP A 148 3.77 27.27 -2.95
C ASP A 148 2.33 27.77 -2.70
N PHE A 149 1.69 27.26 -1.64
CA PHE A 149 0.33 27.66 -1.25
C PHE A 149 0.12 29.20 -1.23
N ALA A 150 1.04 29.93 -0.60
CA ALA A 150 0.94 31.39 -0.50
C ALA A 150 0.98 32.05 -1.89
N GLU A 151 1.85 31.57 -2.79
CA GLU A 151 1.89 32.10 -4.17
C GLU A 151 0.66 31.75 -4.96
N PHE A 152 0.17 30.51 -4.78
CA PHE A 152 -1.03 30.03 -5.43
C PHE A 152 -2.26 30.89 -5.07
N VAL A 153 -2.43 31.13 -3.77
CA VAL A 153 -3.49 31.99 -3.28
C VAL A 153 -3.29 33.43 -3.80
N GLY A 154 -2.09 33.96 -3.61
CA GLY A 154 -1.81 35.34 -3.95
C GLY A 154 -1.86 35.73 -5.45
N ALA A 155 -1.73 34.76 -6.34
CA ALA A 155 -1.77 34.95 -7.78
C ALA A 155 -3.15 34.93 -8.36
N HIS A 156 -4.21 34.70 -7.57
CA HIS A 156 -5.54 34.69 -8.09
C HIS A 156 -6.43 35.67 -7.38
N ALA A 157 -7.25 36.34 -8.18
CA ALA A 157 -8.27 37.22 -7.64
C ALA A 157 -9.36 36.41 -7.03
N PRO A 158 -10.00 36.97 -5.99
CA PRO A 158 -11.06 36.16 -5.35
C PRO A 158 -12.21 35.88 -6.20
N LEU A 159 -12.73 34.67 -6.07
CA LEU A 159 -13.93 34.32 -6.74
C LEU A 159 -15.06 35.22 -6.20
N GLU A 160 -15.90 35.67 -7.11
CA GLU A 160 -16.90 36.66 -6.82
C GLU A 160 -18.07 36.08 -6.15
N LYS A 161 -18.39 34.81 -6.42
CA LYS A 161 -19.45 34.19 -5.67
C LYS A 161 -19.25 32.68 -5.50
N PRO A 162 -19.97 32.06 -4.59
CA PRO A 162 -19.79 30.64 -4.34
C PRO A 162 -20.49 29.81 -5.39
N ALA A 163 -20.04 28.58 -5.53
CA ALA A 163 -20.82 27.58 -6.28
C ALA A 163 -22.20 27.50 -5.71
N ALA A 164 -23.22 27.43 -6.58
CA ALA A 164 -24.62 27.41 -6.12
C ALA A 164 -25.10 26.01 -5.74
N THR A 165 -24.55 25.53 -4.64
CA THR A 165 -24.79 24.20 -4.25
C THR A 165 -26.09 24.10 -3.51
N GLN A 166 -26.59 22.87 -3.38
CA GLN A 166 -27.69 22.58 -2.56
C GLN A 166 -27.21 22.08 -1.19
N ALA A 167 -28.07 22.24 -0.20
CA ALA A 167 -27.81 21.76 1.18
C ALA A 167 -27.44 20.28 1.27
N ASP A 168 -28.07 19.48 0.43
CA ASP A 168 -27.80 18.05 0.45
C ASP A 168 -26.75 17.62 -0.59
N ASP A 169 -26.07 18.54 -1.23
CA ASP A 169 -24.98 18.18 -2.10
C ASP A 169 -23.75 17.81 -1.23
N PRO A 170 -22.93 16.88 -1.69
CA PRO A 170 -21.66 16.61 -1.02
C PRO A 170 -20.85 17.86 -0.90
N ALA A 171 -20.23 18.07 0.26
CA ALA A 171 -19.32 19.20 0.53
C ALA A 171 -17.87 18.78 0.82
N PHE A 172 -17.68 17.71 1.59
CA PHE A 172 -16.35 17.19 1.94
C PHE A 172 -16.42 15.73 2.30
N TRP A 173 -15.28 15.06 2.29
CA TRP A 173 -15.17 13.72 2.80
C TRP A 173 -14.19 13.66 3.98
N LEU A 174 -14.42 12.73 4.84
CA LEU A 174 -13.44 12.23 5.83
C LEU A 174 -13.30 10.74 5.55
N TYR A 175 -12.18 10.19 5.97
CA TYR A 175 -12.01 8.75 5.87
C TYR A 175 -12.05 8.12 7.22
N SER A 176 -12.71 6.97 7.34
CA SER A 176 -12.73 6.16 8.58
C SER A 176 -12.33 4.70 8.33
N SER A 177 -11.56 4.06 9.21
CA SER A 177 -11.21 2.65 8.91
C SER A 177 -11.91 1.75 9.86
N GLY A 178 -12.22 0.54 9.39
CA GLY A 178 -12.83 -0.52 10.21
C GLY A 178 -11.73 -1.51 10.54
N SER A 179 -12.14 -2.68 11.02
CA SER A 179 -11.11 -3.60 11.63
C SER A 179 -10.24 -4.26 10.55
N THR A 180 -10.78 -4.39 9.35
CA THR A 180 -10.01 -4.86 8.17
C THR A 180 -10.39 -3.95 6.97
N GLY A 181 -9.68 -4.12 5.87
CA GLY A 181 -10.02 -3.40 4.65
C GLY A 181 -9.51 -1.99 4.59
N ARG A 182 -9.77 -1.37 3.45
CA ARG A 182 -9.28 -0.05 3.20
C ARG A 182 -10.14 1.03 3.92
N PRO A 183 -9.56 2.19 4.15
CA PRO A 183 -10.31 3.33 4.69
C PRO A 183 -11.61 3.56 3.84
N LYS A 184 -12.71 3.93 4.51
CA LYS A 184 -13.95 4.24 3.88
C LYS A 184 -14.15 5.75 3.77
N GLY A 185 -14.51 6.18 2.57
CA GLY A 185 -14.82 7.58 2.25
C GLY A 185 -16.19 8.01 2.74
N VAL A 186 -16.24 8.70 3.86
CA VAL A 186 -17.48 9.17 4.42
C VAL A 186 -17.89 10.50 3.82
N VAL A 187 -19.04 10.53 3.18
CA VAL A 187 -19.41 11.69 2.39
C VAL A 187 -20.35 12.61 3.17
N HIS A 188 -19.94 13.84 3.45
CA HIS A 188 -20.78 14.79 4.11
C HIS A 188 -21.24 15.87 3.22
N THR A 189 -22.43 16.35 3.57
CA THR A 189 -23.08 17.43 2.80
C THR A 189 -22.83 18.82 3.33
N HIS A 190 -23.28 19.84 2.58
CA HIS A 190 -23.26 21.18 3.08
C HIS A 190 -24.04 21.39 4.38
N ALA A 191 -25.18 20.74 4.51
CA ALA A 191 -26.03 20.89 5.64
C ALA A 191 -25.42 20.29 6.93
N ASN A 192 -24.70 19.17 6.81
CA ASN A 192 -24.28 18.41 7.96
C ASN A 192 -23.50 19.23 9.02
N PRO A 193 -22.48 20.02 8.61
CA PRO A 193 -21.77 20.85 9.59
C PRO A 193 -22.56 22.03 10.10
N TYR A 194 -23.61 22.41 9.39
CA TYR A 194 -24.53 23.42 9.98
C TYR A 194 -25.24 22.81 11.16
N TRP A 195 -25.82 21.62 10.95
CA TRP A 195 -26.50 20.99 12.02
C TRP A 195 -25.65 20.71 13.25
N THR A 196 -24.43 20.20 13.07
CA THR A 196 -23.62 19.88 14.25
C THR A 196 -23.26 21.20 15.00
N SER A 197 -22.98 22.24 14.24
CA SER A 197 -22.48 23.48 14.78
C SER A 197 -23.67 24.12 15.59
N GLU A 198 -24.88 24.01 15.05
CA GLU A 198 -26.05 24.61 15.74
C GLU A 198 -26.51 23.78 16.90
N LEU A 199 -26.68 22.51 16.69
CA LEU A 199 -27.22 21.64 17.69
C LEU A 199 -26.25 21.34 18.85
N TYR A 200 -24.96 21.15 18.54
CA TYR A 200 -23.93 20.84 19.58
C TYR A 200 -23.12 22.08 19.93
N GLY A 201 -22.42 22.62 18.99
CA GLY A 201 -21.60 23.83 19.23
C GLY A 201 -22.31 24.98 19.95
N ARG A 202 -23.41 25.42 19.34
CA ARG A 202 -24.19 26.54 19.89
C ARG A 202 -25.11 26.03 21.01
N ASN A 203 -26.02 25.13 20.69
CA ASN A 203 -27.10 24.78 21.62
C ASN A 203 -26.74 23.85 22.80
N THR A 204 -25.62 23.10 22.74
CA THR A 204 -25.24 22.23 23.83
C THR A 204 -24.07 22.85 24.61
N LEU A 205 -23.02 23.23 23.90
CA LEU A 205 -21.82 23.87 24.53
C LEU A 205 -21.97 25.34 24.88
N HIS A 206 -22.91 26.06 24.22
CA HIS A 206 -23.04 27.52 24.33
C HIS A 206 -21.78 28.24 24.10
N LEU A 207 -21.10 27.88 23.00
CA LEU A 207 -19.96 28.64 22.53
C LEU A 207 -20.38 30.03 22.15
N ARG A 208 -19.50 31.03 22.34
CA ARG A 208 -19.88 32.38 22.01
C ARG A 208 -18.72 33.13 21.44
N GLU A 209 -19.02 34.33 20.97
CA GLU A 209 -18.09 35.16 20.25
C GLU A 209 -16.82 35.39 20.99
N ASP A 210 -16.91 35.66 22.29
CA ASP A 210 -15.66 36.02 23.01
C ASP A 210 -14.83 34.79 23.46
N ASP A 211 -15.25 33.59 23.08
CA ASP A 211 -14.42 32.42 23.33
C ASP A 211 -13.15 32.39 22.45
N VAL A 212 -12.14 31.75 23.03
CA VAL A 212 -10.99 31.27 22.37
C VAL A 212 -10.93 29.74 22.43
N CYS A 213 -11.11 29.11 21.26
CA CYS A 213 -11.16 27.67 21.17
C CYS A 213 -9.77 27.07 20.90
N PHE A 214 -9.48 25.91 21.51
CA PHE A 214 -8.23 25.20 21.25
C PHE A 214 -8.48 23.72 21.41
N SER A 215 -8.34 22.99 20.30
CA SER A 215 -8.60 21.56 20.25
C SER A 215 -7.32 20.78 20.11
N ALA A 216 -6.97 19.95 21.08
CA ALA A 216 -5.88 18.99 20.88
C ALA A 216 -6.18 18.04 19.74
N ALA A 217 -7.48 17.73 19.49
CA ALA A 217 -7.88 16.98 18.35
C ALA A 217 -7.72 17.77 17.10
N LYS A 218 -6.92 17.23 16.18
CA LYS A 218 -6.63 17.90 14.94
C LYS A 218 -7.90 18.09 14.02
N LEU A 219 -7.76 19.02 13.08
CA LEU A 219 -8.84 19.43 12.16
C LEU A 219 -9.36 18.31 11.28
N PHE A 220 -8.51 17.32 10.95
CA PHE A 220 -8.95 16.21 10.17
C PHE A 220 -9.83 15.22 10.89
N PHE A 221 -9.82 15.21 12.21
CA PHE A 221 -10.76 14.41 12.94
C PHE A 221 -12.14 15.12 12.89
N ALA A 222 -13.19 14.32 12.71
CA ALA A 222 -14.55 14.87 12.81
C ALA A 222 -14.66 15.73 14.05
N TYR A 223 -14.25 15.19 15.17
CA TYR A 223 -14.28 15.94 16.46
C TYR A 223 -13.59 17.30 16.38
N GLY A 224 -12.36 17.35 15.88
CA GLY A 224 -11.66 18.62 15.81
C GLY A 224 -12.14 19.57 14.76
N LEU A 225 -12.62 19.04 13.64
CA LEU A 225 -13.21 19.85 12.59
C LEU A 225 -14.35 20.72 13.13
N GLY A 226 -15.21 20.15 13.96
CA GLY A 226 -16.24 20.93 14.63
C GLY A 226 -15.59 21.86 15.64
N ASN A 227 -14.76 21.30 16.50
CA ASN A 227 -14.28 22.04 17.69
C ASN A 227 -13.51 23.31 17.32
N ALA A 228 -12.69 23.22 16.27
CA ALA A 228 -11.75 24.26 15.91
C ALA A 228 -11.96 24.85 14.53
N LEU A 229 -13.13 24.60 13.96
CA LEU A 229 -13.44 25.25 12.69
C LEU A 229 -14.93 25.56 12.60
N THR A 230 -15.78 24.55 12.48
CA THR A 230 -17.20 24.84 12.20
C THR A 230 -17.88 25.48 13.42
N PHE A 231 -17.59 24.98 14.63
CA PHE A 231 -18.17 25.60 15.86
C PHE A 231 -17.75 27.06 16.05
N PRO A 232 -16.43 27.33 16.13
CA PRO A 232 -16.07 28.71 16.37
C PRO A 232 -16.46 29.69 15.29
N MET A 233 -16.44 29.23 14.01
CA MET A 233 -16.82 30.16 12.95
CA MET A 233 -16.82 30.12 12.90
C MET A 233 -18.30 30.46 12.98
N THR A 234 -19.12 29.54 13.49
CA THR A 234 -20.55 29.74 13.57
C THR A 234 -20.93 30.83 14.55
N VAL A 235 -20.15 31.00 15.63
CA VAL A 235 -20.44 32.04 16.65
C VAL A 235 -19.49 33.23 16.70
N GLY A 236 -18.47 33.21 15.87
CA GLY A 236 -17.42 34.18 15.75
C GLY A 236 -16.34 34.16 16.79
N ALA A 237 -16.15 33.00 17.45
CA ALA A 237 -15.04 32.82 18.37
C ALA A 237 -13.70 32.84 17.63
N THR A 238 -12.64 33.15 18.38
CA THR A 238 -11.26 33.03 17.87
C THR A 238 -10.72 31.62 18.16
N THR A 239 -9.96 31.07 17.22
CA THR A 239 -9.42 29.75 17.29
C THR A 239 -7.90 29.73 17.26
N LEU A 240 -7.36 29.00 18.23
CA LEU A 240 -5.91 28.69 18.32
C LEU A 240 -5.65 27.35 17.68
N LEU A 241 -4.71 27.31 16.73
CA LEU A 241 -4.28 26.07 16.07
C LEU A 241 -2.81 25.77 16.42
N MET A 242 -2.48 24.48 16.50
CA MET A 242 -1.14 24.03 16.81
C MET A 242 -0.73 22.89 15.86
N GLY A 243 0.34 23.07 15.11
CA GLY A 243 0.84 22.04 14.24
C GLY A 243 1.44 20.80 14.88
N GLU A 244 2.11 20.99 16.00
CA GLU A 244 2.85 19.88 16.65
C GLU A 244 1.94 18.87 17.31
N ARG A 245 2.50 17.69 17.60
CA ARG A 245 1.82 16.68 18.37
C ARG A 245 1.45 17.24 19.72
N PRO A 246 0.21 16.98 20.17
CA PRO A 246 -0.15 17.45 21.48
C PRO A 246 0.62 16.64 22.58
N THR A 247 1.24 17.35 23.50
CA THR A 247 1.84 16.78 24.71
C THR A 247 1.36 17.68 25.83
N PRO A 248 1.44 17.24 27.09
CA PRO A 248 1.11 18.17 28.16
C PRO A 248 1.83 19.50 28.05
N ASP A 249 3.14 19.51 27.86
CA ASP A 249 3.83 20.80 27.76
C ASP A 249 3.38 21.71 26.60
N ALA A 250 3.11 21.15 25.45
CA ALA A 250 2.63 21.98 24.35
C ALA A 250 1.23 22.57 24.66
N VAL A 251 0.34 21.77 25.27
CA VAL A 251 -0.97 22.23 25.58
C VAL A 251 -0.89 23.31 26.65
N PHE A 252 -0.07 23.06 27.66
CA PHE A 252 0.00 24.01 28.77
C PHE A 252 0.55 25.35 28.29
N LYS A 253 1.56 25.35 27.38
CA LYS A 253 2.11 26.59 26.86
C LYS A 253 1.02 27.46 26.27
N ARG A 254 0.09 26.82 25.54
CA ARG A 254 -1.05 27.51 24.95
C ARG A 254 -2.09 27.94 25.97
N TRP A 255 -2.46 27.06 26.91
CA TRP A 255 -3.37 27.42 27.98
C TRP A 255 -2.87 28.71 28.68
N LEU A 256 -1.57 28.86 28.80
CA LEU A 256 -1.00 30.01 29.58
C LEU A 256 -0.84 31.26 28.74
N GLY A 257 -1.24 31.19 27.47
CA GLY A 257 -1.16 32.32 26.63
C GLY A 257 0.20 32.55 25.96
N GLY A 258 1.00 31.49 25.84
CA GLY A 258 2.23 31.48 25.10
C GLY A 258 2.20 31.68 23.60
N VAL A 259 1.05 31.60 22.97
CA VAL A 259 0.92 31.85 21.51
C VAL A 259 -0.17 32.86 21.23
N GLY A 260 0.15 33.77 20.29
CA GLY A 260 -0.76 34.74 19.76
C GLY A 260 -1.34 35.74 20.73
N GLY A 261 -0.77 35.85 21.93
CA GLY A 261 -1.35 36.69 22.98
C GLY A 261 -2.79 36.34 23.39
N VAL A 262 -3.19 35.06 23.22
CA VAL A 262 -4.51 34.58 23.56
C VAL A 262 -4.45 33.44 24.53
N LYS A 263 -5.36 33.48 25.50
CA LYS A 263 -5.54 32.32 26.36
C LYS A 263 -6.82 31.62 26.03
N PRO A 264 -6.75 30.31 25.70
CA PRO A 264 -7.98 29.49 25.46
C PRO A 264 -9.00 29.55 26.62
N THR A 265 -10.28 29.68 26.23
CA THR A 265 -11.36 29.52 27.14
C THR A 265 -12.09 28.19 27.02
N VAL A 266 -11.93 27.54 25.84
CA VAL A 266 -12.58 26.27 25.59
C VAL A 266 -11.44 25.33 25.13
N PHE A 267 -11.34 24.16 25.77
CA PHE A 267 -10.41 23.12 25.40
C PHE A 267 -11.17 21.85 25.11
N TYR A 268 -10.63 21.11 24.13
CA TYR A 268 -11.18 19.83 23.72
C TYR A 268 -10.03 18.82 23.57
N GLY A 269 -10.28 17.58 23.94
CA GLY A 269 -9.24 16.57 23.81
C GLY A 269 -9.72 15.19 24.23
N ALA A 270 -8.88 14.20 24.02
CA ALA A 270 -9.20 12.85 24.42
C ALA A 270 -8.95 12.63 25.96
N PRO A 271 -9.76 11.79 26.61
CA PRO A 271 -9.46 11.34 27.99
C PRO A 271 -7.99 10.98 28.29
N THR A 272 -7.30 10.32 27.36
CA THR A 272 -5.88 9.98 27.53
C THR A 272 -5.06 11.23 27.73
N GLY A 273 -5.41 12.28 27.00
CA GLY A 273 -4.61 13.54 27.03
C GLY A 273 -4.90 14.22 28.40
N TYR A 274 -6.15 14.21 28.83
CA TYR A 274 -6.51 14.75 30.15
C TYR A 274 -5.79 13.99 31.30
N ALA A 275 -5.72 12.69 31.18
CA ALA A 275 -4.96 11.85 32.18
C ALA A 275 -3.49 12.24 32.16
N GLY A 276 -2.92 12.36 30.98
CA GLY A 276 -1.53 12.76 30.84
C GLY A 276 -1.28 14.14 31.45
N MET A 277 -2.19 15.11 31.22
CA MET A 277 -2.00 16.41 31.83
C MET A 277 -2.07 16.42 33.35
N LEU A 278 -3.02 15.68 33.91
CA LEU A 278 -3.21 15.63 35.34
C LEU A 278 -2.00 14.92 35.99
N ALA A 279 -1.29 14.10 35.26
CA ALA A 279 -0.10 13.41 35.81
C ALA A 279 1.13 14.28 35.66
N ALA A 280 1.02 15.39 34.94
CA ALA A 280 2.20 16.19 34.63
C ALA A 280 2.64 17.07 35.81
N PRO A 281 3.94 17.03 36.13
CA PRO A 281 4.39 17.85 37.26
C PRO A 281 4.10 19.35 37.16
N ASN A 282 4.12 19.89 35.97
CA ASN A 282 3.88 21.29 35.82
C ASN A 282 2.46 21.62 35.30
N LEU A 283 1.51 20.78 35.66
CA LEU A 283 0.06 21.11 35.50
C LEU A 283 -0.22 22.53 35.99
N PRO A 284 -0.84 23.39 35.17
CA PRO A 284 -0.99 24.77 35.68
C PRO A 284 -2.04 24.88 36.81
N SER A 285 -1.97 25.96 37.55
CA SER A 285 -2.94 26.16 38.64
C SER A 285 -4.18 26.88 38.04
N ARG A 286 -5.30 26.88 38.73
CA ARG A 286 -6.56 27.50 38.29
C ARG A 286 -6.36 28.94 37.97
N ASP A 287 -5.58 29.62 38.78
CA ASP A 287 -5.43 31.02 38.53
C ASP A 287 -4.53 31.36 37.35
N GLN A 288 -3.90 30.38 36.70
CA GLN A 288 -3.05 30.72 35.56
C GLN A 288 -3.78 30.59 34.20
N VAL A 289 -4.96 29.95 34.24
CA VAL A 289 -5.69 29.61 32.99
C VAL A 289 -7.00 30.35 32.88
N ALA A 290 -7.50 30.50 31.64
CA ALA A 290 -8.78 31.15 31.38
C ALA A 290 -9.89 30.18 30.96
N LEU A 291 -9.63 28.89 31.09
CA LEU A 291 -10.61 27.86 30.69
C LEU A 291 -11.91 28.00 31.41
N ARG A 292 -13.01 27.91 30.68
CA ARG A 292 -14.34 27.90 31.23
C ARG A 292 -15.08 26.62 30.86
N LEU A 293 -14.58 25.90 29.85
CA LEU A 293 -15.25 24.65 29.42
C LEU A 293 -14.21 23.67 28.88
N ALA A 294 -14.34 22.43 29.28
CA ALA A 294 -13.48 21.36 28.84
C ALA A 294 -14.34 20.25 28.23
N SER A 295 -14.06 19.92 26.96
CA SER A 295 -14.84 18.91 26.23
C SER A 295 -13.92 17.66 26.07
N SER A 296 -14.51 16.48 26.10
CA SER A 296 -13.78 15.26 25.73
C SER A 296 -14.58 14.32 24.84
N ALA A 297 -13.85 13.63 23.95
CA ALA A 297 -14.40 12.54 23.22
C ALA A 297 -13.26 11.71 22.66
N GLY A 298 -13.62 10.63 22.01
CA GLY A 298 -12.60 9.77 21.33
C GLY A 298 -12.58 8.38 22.03
N GLU A 299 -12.83 8.37 23.33
CA GLU A 299 -12.94 7.13 24.12
C GLU A 299 -13.75 7.56 25.37
N ALA A 300 -14.33 6.59 26.02
CA ALA A 300 -15.08 6.87 27.25
C ALA A 300 -14.14 7.56 28.31
N LEU A 301 -14.69 8.59 28.97
CA LEU A 301 -13.97 9.27 30.00
C LEU A 301 -14.10 8.50 31.37
N PRO A 302 -12.99 7.97 31.91
CA PRO A 302 -13.02 7.33 33.28
C PRO A 302 -13.43 8.40 34.29
N ALA A 303 -14.39 8.06 35.16
CA ALA A 303 -14.88 9.01 36.16
C ALA A 303 -13.81 9.65 36.93
N GLU A 304 -12.78 8.88 37.34
CA GLU A 304 -11.70 9.50 38.15
C GLU A 304 -11.00 10.67 37.44
N ILE A 305 -10.90 10.61 36.12
CA ILE A 305 -10.19 11.67 35.41
C ILE A 305 -10.99 12.95 35.48
N GLY A 306 -12.28 12.79 35.18
CA GLY A 306 -13.22 13.90 35.27
C GLY A 306 -13.23 14.52 36.69
N GLN A 307 -13.30 13.67 37.70
CA GLN A 307 -13.42 14.15 39.11
C GLN A 307 -12.12 14.86 39.54
N ARG A 308 -10.94 14.32 39.18
CA ARG A 308 -9.64 14.98 39.50
C ARG A 308 -9.48 16.30 38.76
N PHE A 309 -9.93 16.35 37.48
CA PHE A 309 -9.92 17.62 36.77
C PHE A 309 -10.77 18.68 37.46
N GLN A 310 -11.94 18.25 37.88
CA GLN A 310 -12.89 19.12 38.57
C GLN A 310 -12.30 19.57 39.88
N ARG A 311 -11.67 18.65 40.60
CA ARG A 311 -11.06 19.05 41.92
C ARG A 311 -9.92 20.04 41.74
N HIS A 312 -9.13 19.87 40.68
CA HIS A 312 -7.98 20.77 40.44
C HIS A 312 -8.40 22.13 39.83
N PHE A 313 -9.23 22.09 38.77
CA PHE A 313 -9.59 23.34 38.07
C PHE A 313 -10.93 23.97 38.39
N GLY A 314 -11.81 23.21 39.01
CA GLY A 314 -13.18 23.64 39.23
C GLY A 314 -14.04 23.62 37.94
N LEU A 315 -13.64 22.80 36.96
CA LEU A 315 -14.35 22.60 35.70
C LEU A 315 -14.58 21.13 35.57
N ASP A 316 -15.76 20.73 35.20
CA ASP A 316 -15.99 19.36 34.85
C ASP A 316 -15.45 19.14 33.39
N ILE A 317 -15.26 17.90 33.03
CA ILE A 317 -14.91 17.56 31.66
C ILE A 317 -16.24 17.02 31.10
N VAL A 318 -16.68 17.56 29.96
CA VAL A 318 -17.97 17.22 29.38
C VAL A 318 -17.72 16.19 28.29
N ASP A 319 -18.05 14.92 28.59
CA ASP A 319 -17.77 13.77 27.75
C ASP A 319 -19.00 13.60 26.86
N GLY A 320 -18.76 13.53 25.55
CA GLY A 320 -19.80 13.19 24.57
C GLY A 320 -19.21 12.19 23.56
N ILE A 321 -20.13 11.49 22.89
CA ILE A 321 -19.81 10.54 21.82
C ILE A 321 -20.41 11.01 20.51
N GLY A 322 -19.60 10.96 19.46
CA GLY A 322 -20.01 11.12 18.09
C GLY A 322 -19.46 10.01 17.24
N SER A 323 -19.52 10.22 15.93
CA SER A 323 -18.83 9.31 15.00
C SER A 323 -18.52 10.08 13.77
N THR A 324 -17.51 9.59 13.01
CA THR A 324 -17.25 10.17 11.72
C THR A 324 -18.53 10.26 10.84
N GLU A 325 -19.29 9.19 10.83
CA GLU A 325 -20.55 9.12 10.03
C GLU A 325 -21.65 10.13 10.47
N MET A 326 -21.72 10.43 11.78
CA MET A 326 -22.65 11.45 12.29
C MET A 326 -22.09 12.86 12.35
N LEU A 327 -20.80 12.98 11.99
CA LEU A 327 -19.99 14.22 11.94
C LEU A 327 -19.56 14.78 13.25
N HIS A 328 -20.47 14.79 14.21
CA HIS A 328 -20.10 15.23 15.61
C HIS A 328 -20.99 14.53 16.68
N ILE A 329 -21.03 15.12 17.87
CA ILE A 329 -21.50 14.44 19.05
C ILE A 329 -23.04 14.43 19.06
N PHE A 330 -23.62 13.27 19.34
CA PHE A 330 -25.07 13.15 19.38
C PHE A 330 -25.57 12.69 20.76
N LEU A 331 -24.66 12.35 21.68
CA LEU A 331 -25.02 11.82 23.01
C LEU A 331 -24.00 12.40 23.95
N SER A 332 -24.41 13.18 24.94
CA SER A 332 -23.40 13.97 25.67
C SER A 332 -23.87 14.35 27.05
N ASN A 333 -22.90 14.46 27.93
CA ASN A 333 -23.02 15.29 29.08
C ASN A 333 -23.21 16.76 28.69
N LEU A 334 -23.69 17.57 29.67
CA LEU A 334 -23.93 18.99 29.42
C LEU A 334 -22.98 19.78 30.29
N PRO A 335 -22.65 20.99 29.86
CA PRO A 335 -21.75 21.81 30.69
C PRO A 335 -22.27 21.94 32.15
N ASP A 336 -23.58 22.02 32.32
CA ASP A 336 -24.09 22.16 33.69
C ASP A 336 -24.77 20.91 34.24
N ARG A 337 -24.63 19.81 33.54
CA ARG A 337 -25.07 18.51 34.05
C ARG A 337 -24.17 17.47 33.52
N VAL A 338 -23.30 17.00 34.40
CA VAL A 338 -22.35 15.96 34.09
C VAL A 338 -22.66 14.79 35.01
N ARG A 339 -22.76 13.60 34.45
CA ARG A 339 -22.82 12.39 35.27
C ARG A 339 -21.69 11.48 34.91
N TYR A 340 -20.62 11.48 35.73
CA TYR A 340 -19.48 10.67 35.42
C TYR A 340 -19.80 9.19 35.47
N GLY A 341 -19.14 8.40 34.64
CA GLY A 341 -19.45 7.02 34.41
C GLY A 341 -20.56 6.85 33.37
N THR A 342 -21.04 7.96 32.73
CA THR A 342 -22.05 7.88 31.65
C THR A 342 -21.61 8.85 30.56
N THR A 343 -22.13 8.67 29.36
CA THR A 343 -22.01 9.66 28.27
C THR A 343 -23.19 10.61 28.18
N GLY A 344 -23.94 10.78 29.27
CA GLY A 344 -24.99 11.75 29.35
C GLY A 344 -26.24 11.35 28.57
N TRP A 345 -26.81 12.34 27.90
CA TRP A 345 -28.14 12.30 27.35
C TRP A 345 -28.14 12.62 25.85
N PRO A 346 -29.18 12.16 25.16
CA PRO A 346 -29.23 12.53 23.75
C PRO A 346 -29.20 14.04 23.52
N VAL A 347 -28.48 14.45 22.49
CA VAL A 347 -28.43 15.84 22.07
C VAL A 347 -29.72 16.19 21.37
N PRO A 348 -30.39 17.24 21.85
CA PRO A 348 -31.66 17.57 21.15
C PRO A 348 -31.45 17.73 19.64
N GLY A 349 -32.33 17.10 18.89
CA GLY A 349 -32.17 17.06 17.44
C GLY A 349 -31.84 15.69 16.94
N TYR A 350 -31.31 14.86 17.83
CA TYR A 350 -30.88 13.50 17.55
C TYR A 350 -31.77 12.50 18.36
N GLN A 351 -32.19 11.42 17.73
CA GLN A 351 -32.93 10.37 18.41
C GLN A 351 -31.98 9.22 18.46
N ILE A 352 -31.97 8.56 19.59
CA ILE A 352 -31.12 7.39 19.81
C ILE A 352 -31.95 6.16 20.08
N GLU A 353 -31.54 5.01 19.58
CA GLU A 353 -32.18 3.71 19.87
C GLU A 353 -31.16 2.69 20.25
N LEU A 354 -31.53 1.80 21.15
CA LEU A 354 -30.69 0.66 21.52
C LEU A 354 -31.37 -0.58 20.94
N ARG A 355 -30.66 -1.31 20.07
CA ARG A 355 -31.29 -2.52 19.47
C ARG A 355 -30.66 -3.85 19.91
N GLY A 356 -31.48 -4.87 20.14
CA GLY A 356 -30.97 -6.17 20.56
C GLY A 356 -30.63 -7.07 19.39
N ASP A 357 -30.45 -8.34 19.72
CA ASP A 357 -29.97 -9.33 18.76
C ASP A 357 -30.84 -9.48 17.55
N GLY A 358 -32.12 -9.16 17.64
CA GLY A 358 -32.91 -9.16 16.41
C GLY A 358 -33.38 -7.85 15.87
N GLY A 359 -32.76 -6.75 16.31
CA GLY A 359 -33.36 -5.41 16.09
C GLY A 359 -34.50 -5.05 17.11
N GLY A 360 -34.83 -5.95 18.03
CA GLY A 360 -35.89 -5.66 19.01
C GLY A 360 -35.47 -4.67 20.11
N PRO A 361 -36.44 -4.33 21.01
CA PRO A 361 -36.16 -3.39 22.08
C PRO A 361 -35.34 -4.02 23.17
N VAL A 362 -34.64 -3.19 23.94
CA VAL A 362 -33.94 -3.68 25.08
C VAL A 362 -34.53 -2.97 26.29
N ALA A 363 -34.68 -3.72 27.38
CA ALA A 363 -35.15 -3.17 28.63
C ALA A 363 -34.03 -2.24 29.13
N ASP A 364 -34.42 -1.20 29.88
CA ASP A 364 -33.47 -0.35 30.52
C ASP A 364 -32.60 -1.16 31.41
N GLY A 365 -31.30 -0.90 31.34
CA GLY A 365 -30.35 -1.66 32.09
C GLY A 365 -29.72 -2.78 31.32
N GLU A 366 -30.26 -3.09 30.15
CA GLU A 366 -29.72 -4.12 29.29
C GLU A 366 -28.95 -3.43 28.14
N PRO A 367 -27.82 -4.00 27.75
CA PRO A 367 -27.04 -3.44 26.61
C PRO A 367 -27.75 -3.67 25.26
N GLY A 368 -27.71 -2.67 24.41
CA GLY A 368 -28.07 -2.80 23.01
C GLY A 368 -27.11 -2.07 22.08
N ASP A 369 -27.18 -2.39 20.80
CA ASP A 369 -26.40 -1.70 19.79
C ASP A 369 -27.01 -0.30 19.55
N LEU A 370 -26.14 0.67 19.46
CA LEU A 370 -26.55 2.06 19.36
C LEU A 370 -26.80 2.51 17.93
N TYR A 371 -27.97 3.07 17.67
CA TYR A 371 -28.33 3.66 16.38
C TYR A 371 -28.75 5.06 16.60
N ILE A 372 -28.45 5.89 15.60
CA ILE A 372 -28.72 7.33 15.64
C ILE A 372 -29.55 7.78 14.48
N HIS A 373 -30.54 8.59 14.77
CA HIS A 373 -31.32 9.27 13.74
C HIS A 373 -31.17 10.76 13.95
N GLY A 374 -30.56 11.42 13.00
CA GLY A 374 -30.38 12.88 13.16
C GLY A 374 -29.92 13.54 11.91
N PRO A 375 -29.85 14.83 11.90
CA PRO A 375 -29.73 15.53 10.59
C PRO A 375 -28.35 15.70 10.00
N SER A 376 -27.27 15.23 10.68
CA SER A 376 -25.90 15.43 10.20
C SER A 376 -25.31 14.14 9.73
N SER A 377 -26.12 13.07 9.50
CA SER A 377 -25.58 11.81 9.00
C SER A 377 -24.96 11.96 7.60
N ALA A 378 -23.82 11.28 7.41
CA ALA A 378 -23.24 11.12 6.08
C ALA A 378 -24.25 10.36 5.24
N THR A 379 -24.10 10.50 3.92
CA THR A 379 -25.02 9.87 2.94
C THR A 379 -24.62 8.42 2.57
N MET A 380 -23.38 8.07 2.73
CA MET A 380 -22.84 6.80 2.22
C MET A 380 -21.35 6.77 2.49
N TYR A 381 -20.75 5.57 2.25
CA TYR A 381 -19.34 5.40 2.03
C TYR A 381 -19.17 5.37 0.49
N TRP A 382 -18.39 6.29 -0.03
CA TRP A 382 -18.17 6.39 -1.46
C TRP A 382 -17.62 5.15 -2.09
N GLY A 383 -18.35 4.63 -3.09
CA GLY A 383 -17.91 3.45 -3.77
C GLY A 383 -18.04 2.14 -3.05
N ASN A 384 -18.65 2.10 -1.86
CA ASN A 384 -18.81 0.90 -1.07
C ASN A 384 -20.24 0.67 -0.66
N ARG A 385 -20.98 0.01 -1.56
CA ARG A 385 -22.41 -0.17 -1.41
C ARG A 385 -22.77 -1.12 -0.28
N ALA A 386 -22.02 -2.18 -0.08
CA ALA A 386 -22.23 -3.18 0.94
C ALA A 386 -22.00 -2.61 2.33
N LYS A 387 -20.84 -1.94 2.54
CA LYS A 387 -20.63 -1.22 3.85
C LYS A 387 -21.64 -0.14 4.09
N SER A 388 -22.05 0.56 3.04
CA SER A 388 -23.04 1.62 3.17
C SER A 388 -24.38 1.04 3.69
N ARG A 389 -24.78 -0.14 3.17
CA ARG A 389 -26.05 -0.77 3.58
C ARG A 389 -25.98 -1.19 5.05
N ASP A 390 -24.85 -1.66 5.53
CA ASP A 390 -24.72 -2.10 6.92
C ASP A 390 -24.82 -0.90 7.89
N THR A 391 -24.27 0.26 7.53
CA THR A 391 -24.16 1.38 8.44
C THR A 391 -25.38 2.33 8.35
N PHE A 392 -25.78 2.66 7.11
CA PHE A 392 -26.80 3.63 6.88
C PHE A 392 -28.11 2.88 6.58
N GLN A 393 -28.84 2.56 7.64
CA GLN A 393 -29.99 1.65 7.59
C GLN A 393 -31.23 2.49 7.64
N GLY A 394 -31.65 2.97 6.49
CA GLY A 394 -32.88 3.74 6.35
C GLY A 394 -33.18 4.84 7.35
N GLY A 395 -32.36 5.87 7.36
CA GLY A 395 -32.62 7.00 8.24
C GLY A 395 -32.02 6.80 9.61
N TRP A 396 -31.56 5.59 9.90
CA TRP A 396 -30.76 5.26 11.10
C TRP A 396 -29.34 4.93 10.72
N THR A 397 -28.43 5.45 11.52
CA THR A 397 -27.02 5.23 11.35
C THR A 397 -26.48 4.36 12.50
N LYS A 398 -25.92 3.21 12.18
CA LYS A 398 -25.35 2.38 13.19
C LYS A 398 -23.97 2.89 13.61
N SER A 399 -23.69 2.90 14.91
CA SER A 399 -22.42 3.47 15.43
C SER A 399 -21.28 2.47 15.66
N GLY A 400 -21.59 1.21 15.83
CA GLY A 400 -20.44 0.31 16.27
C GLY A 400 -20.29 0.19 17.75
N ASP A 401 -21.11 0.94 18.50
CA ASP A 401 -21.04 0.90 19.91
C ASP A 401 -22.26 0.18 20.53
N LYS A 402 -22.08 -0.29 21.76
CA LYS A 402 -23.15 -0.80 22.62
C LYS A 402 -23.28 0.15 23.79
N TYR A 403 -24.51 0.37 24.22
CA TYR A 403 -24.80 1.20 25.38
C TYR A 403 -25.93 0.60 26.25
N VAL A 404 -25.98 1.04 27.50
CA VAL A 404 -27.12 0.75 28.41
C VAL A 404 -27.79 2.06 28.74
N ARG A 405 -29.11 2.11 28.76
CA ARG A 405 -29.78 3.29 29.26
C ARG A 405 -30.10 3.13 30.76
N ASN A 406 -29.84 4.19 31.50
CA ASN A 406 -30.03 4.24 32.97
C ASN A 406 -31.37 4.85 33.33
N ASP A 407 -31.74 4.78 34.61
CA ASP A 407 -33.10 5.23 35.05
C ASP A 407 -33.30 6.69 34.93
N ASP A 408 -32.20 7.45 34.93
CA ASP A 408 -32.29 8.87 34.76
C ASP A 408 -32.23 9.30 33.28
N GLY A 409 -32.28 8.33 32.36
CA GLY A 409 -32.27 8.63 30.89
C GLY A 409 -30.85 8.82 30.33
N SER A 410 -29.81 8.75 31.21
CA SER A 410 -28.42 8.77 30.78
C SER A 410 -28.04 7.39 30.18
N TYR A 411 -26.94 7.41 29.40
CA TYR A 411 -26.43 6.25 28.71
C TYR A 411 -24.99 5.92 29.12
N THR A 412 -24.75 4.65 29.43
CA THR A 412 -23.47 4.16 29.82
C THR A 412 -22.88 3.21 28.82
N TYR A 413 -21.62 3.47 28.44
CA TYR A 413 -20.95 2.73 27.35
C TYR A 413 -20.76 1.25 27.73
N ALA A 414 -20.97 0.35 26.76
CA ALA A 414 -20.95 -1.06 26.98
C ALA A 414 -20.06 -1.80 25.97
N GLY A 415 -19.22 -1.11 25.23
CA GLY A 415 -18.24 -1.82 24.39
C GLY A 415 -18.54 -1.60 22.94
N ARG A 416 -17.74 -2.20 22.06
CA ARG A 416 -17.93 -2.16 20.60
C ARG A 416 -18.62 -3.42 20.04
N THR A 417 -19.25 -3.29 18.87
CA THR A 417 -19.87 -4.43 18.22
C THR A 417 -18.96 -5.01 17.16
N ASP A 418 -17.85 -4.37 16.94
CA ASP A 418 -16.78 -4.95 16.15
C ASP A 418 -15.61 -5.16 17.12
N ASP A 419 -14.46 -5.33 16.51
CA ASP A 419 -13.26 -5.63 17.21
C ASP A 419 -12.36 -4.43 17.29
N MET A 420 -12.89 -3.22 16.97
CA MET A 420 -12.03 -2.00 17.04
C MET A 420 -11.73 -1.59 18.45
N LEU A 421 -10.55 -1.05 18.68
CA LEU A 421 -10.24 -0.44 19.95
C LEU A 421 -10.21 1.05 19.75
N LYS A 422 -10.50 1.79 20.83
CA LYS A 422 -10.22 3.22 20.87
C LYS A 422 -9.11 3.40 21.85
N VAL A 423 -7.96 3.85 21.35
CA VAL A 423 -6.71 3.92 22.12
C VAL A 423 -6.19 5.33 22.00
N SER A 424 -5.92 5.99 23.12
CA SER A 424 -5.60 7.42 23.09
C SER A 424 -6.65 8.22 22.32
N GLY A 425 -7.86 7.73 22.34
CA GLY A 425 -8.96 8.36 21.70
C GLY A 425 -9.03 8.22 20.21
N ILE A 426 -8.29 7.26 19.65
CA ILE A 426 -8.19 7.03 18.21
C ILE A 426 -8.49 5.57 17.88
N TYR A 427 -9.19 5.33 16.77
CA TYR A 427 -9.47 3.94 16.35
C TYR A 427 -8.21 3.20 16.06
N VAL A 428 -8.12 1.95 16.51
CA VAL A 428 -7.03 1.13 16.07
C VAL A 428 -7.58 -0.29 15.96
N SER A 429 -7.24 -0.94 14.85
CA SER A 429 -7.64 -2.30 14.66
C SER A 429 -6.66 -3.21 15.31
N PRO A 430 -7.13 -4.14 16.15
CA PRO A 430 -6.14 -5.11 16.73
C PRO A 430 -5.53 -6.00 15.66
N PHE A 431 -6.23 -6.19 14.57
CA PHE A 431 -5.78 -7.11 13.51
C PHE A 431 -4.62 -6.46 12.74
N GLU A 432 -4.60 -5.13 12.65
CA GLU A 432 -3.45 -4.41 12.10
C GLU A 432 -2.20 -4.63 12.88
N ILE A 433 -2.34 -4.52 14.20
CA ILE A 433 -1.20 -4.68 15.05
C ILE A 433 -0.74 -6.14 14.94
N GLU A 434 -1.69 -7.08 14.93
CA GLU A 434 -1.32 -8.49 14.77
C GLU A 434 -0.55 -8.76 13.50
N ALA A 435 -1.05 -8.16 12.40
CA ALA A 435 -0.43 -8.29 11.08
C ALA A 435 1.01 -7.75 11.08
N THR A 436 1.28 -6.71 11.86
CA THR A 436 2.64 -6.19 11.93
C THR A 436 3.53 -7.15 12.73
N LEU A 437 3.05 -7.60 13.88
CA LEU A 437 3.83 -8.50 14.74
C LEU A 437 4.24 -9.81 14.04
N VAL A 438 3.36 -10.41 13.28
CA VAL A 438 3.67 -11.72 12.65
C VAL A 438 4.67 -11.57 11.51
N GLN A 439 4.97 -10.37 11.05
CA GLN A 439 6.06 -10.25 10.05
C GLN A 439 7.47 -10.26 10.66
N HIS A 440 7.58 -10.25 12.00
CA HIS A 440 8.85 -10.41 12.66
C HIS A 440 9.17 -11.94 12.55
N PRO A 441 10.34 -12.33 12.04
CA PRO A 441 10.72 -13.73 11.85
C PRO A 441 10.77 -14.61 13.09
N GLY A 442 10.92 -14.01 14.24
CA GLY A 442 10.84 -14.70 15.52
C GLY A 442 9.47 -14.96 16.07
N VAL A 443 8.43 -14.43 15.42
CA VAL A 443 7.06 -14.54 15.97
C VAL A 443 6.34 -15.66 15.16
N LEU A 444 5.66 -16.57 15.86
CA LEU A 444 4.82 -17.59 15.21
C LEU A 444 3.41 -17.11 15.03
N GLU A 445 2.82 -16.59 16.12
CA GLU A 445 1.45 -16.16 16.15
C GLU A 445 1.32 -15.00 17.04
N ALA A 446 0.28 -14.17 16.80
CA ALA A 446 0.05 -13.06 17.72
C ALA A 446 -1.44 -12.72 17.82
N ALA A 447 -1.89 -12.30 19.01
CA ALA A 447 -3.28 -11.88 19.26
C ALA A 447 -3.21 -10.62 20.09
N VAL A 448 -4.04 -9.64 19.74
CA VAL A 448 -4.02 -8.39 20.41
C VAL A 448 -5.43 -8.07 20.86
N VAL A 449 -5.56 -7.69 22.13
CA VAL A 449 -6.81 -7.29 22.73
C VAL A 449 -6.63 -5.97 23.46
N GLY A 450 -7.73 -5.33 23.80
CA GLY A 450 -7.66 -4.14 24.63
C GLY A 450 -7.65 -4.52 26.10
N VAL A 451 -6.82 -3.81 26.85
CA VAL A 451 -6.77 -3.90 28.31
C VAL A 451 -6.82 -2.50 28.92
N ALA A 452 -7.57 -2.32 30.02
CA ALA A 452 -7.60 -1.04 30.79
C ALA A 452 -6.34 -0.86 31.56
N ASP A 453 -5.67 0.28 31.36
CA ASP A 453 -4.55 0.67 32.17
C ASP A 453 -4.97 1.11 33.60
N GLU A 454 -4.04 1.68 34.34
CA GLU A 454 -4.29 2.06 35.72
C GLU A 454 -5.34 3.17 35.88
N HIS A 455 -5.67 3.88 34.80
CA HIS A 455 -6.70 4.91 34.79
C HIS A 455 -7.98 4.47 34.17
N GLY A 456 -8.03 3.19 33.83
CA GLY A 456 -9.19 2.64 33.19
C GLY A 456 -9.27 2.96 31.68
N LEU A 457 -8.20 3.44 31.08
CA LEU A 457 -8.18 3.71 29.62
C LEU A 457 -7.69 2.52 28.82
N THR A 458 -8.35 2.20 27.69
CA THR A 458 -7.97 1.01 26.93
C THR A 458 -6.68 1.20 26.13
N LYS A 459 -5.74 0.25 26.30
CA LYS A 459 -4.56 0.14 25.47
C LYS A 459 -4.47 -1.23 24.86
N PRO A 460 -3.73 -1.40 23.75
CA PRO A 460 -3.53 -2.74 23.22
C PRO A 460 -2.63 -3.53 24.13
N LYS A 461 -2.90 -4.85 24.23
CA LYS A 461 -2.00 -5.81 24.87
C LYS A 461 -1.75 -6.95 23.88
N ALA A 462 -0.51 -7.38 23.68
CA ALA A 462 -0.24 -8.36 22.65
C ALA A 462 0.17 -9.67 23.37
N TYR A 463 -0.41 -10.74 22.92
CA TYR A 463 0.00 -12.12 23.29
C TYR A 463 0.69 -12.75 22.11
N VAL A 464 1.94 -13.13 22.29
CA VAL A 464 2.80 -13.51 21.21
C VAL A 464 3.37 -14.88 21.47
N VAL A 465 3.23 -15.74 20.46
CA VAL A 465 3.87 -17.07 20.49
C VAL A 465 5.14 -17.01 19.70
N PRO A 466 6.31 -17.16 20.37
CA PRO A 466 7.59 -17.15 19.65
C PRO A 466 7.75 -18.36 18.74
N ARG A 467 8.50 -18.19 17.66
CA ARG A 467 8.78 -19.28 16.76
C ARG A 467 9.89 -20.12 17.41
N PRO A 468 9.62 -21.38 17.73
CA PRO A 468 10.57 -22.27 18.40
C PRO A 468 12.06 -22.15 18.09
N GLY A 469 12.45 -22.17 16.84
CA GLY A 469 13.94 -22.13 16.58
C GLY A 469 14.62 -20.76 16.44
N GLN A 470 13.96 -19.68 16.90
CA GLN A 470 14.43 -18.34 16.71
C GLN A 470 14.56 -17.65 18.05
N THR A 471 15.36 -16.59 18.06
CA THR A 471 15.53 -15.79 19.25
C THR A 471 14.46 -14.70 19.10
N LEU A 472 13.98 -14.22 20.24
CA LEU A 472 13.03 -13.12 20.28
C LEU A 472 12.97 -12.59 21.71
N SER A 473 13.25 -11.30 21.85
CA SER A 473 13.23 -10.60 23.11
C SER A 473 12.23 -9.44 23.04
N GLU A 474 11.70 -9.04 24.20
CA GLU A 474 10.78 -7.92 24.26
C GLU A 474 11.41 -6.62 23.71
N THR A 475 12.70 -6.42 23.92
CA THR A 475 13.23 -5.13 23.48
C THR A 475 13.41 -5.19 21.96
N GLU A 476 13.74 -6.36 21.36
CA GLU A 476 13.83 -6.43 19.89
C GLU A 476 12.44 -6.22 19.27
N LEU A 477 11.40 -6.72 19.94
CA LEU A 477 10.04 -6.56 19.43
C LEU A 477 9.61 -5.10 19.49
N LYS A 478 9.98 -4.42 20.59
CA LYS A 478 9.76 -2.96 20.75
C LYS A 478 10.40 -2.14 19.61
N THR A 479 11.65 -2.46 19.33
CA THR A 479 12.39 -1.79 18.23
C THR A 479 11.76 -2.09 16.87
N PHE A 480 11.29 -3.34 16.70
CA PHE A 480 10.66 -3.72 15.45
C PHE A 480 9.41 -2.88 15.27
N ILE A 481 8.60 -2.75 16.31
CA ILE A 481 7.36 -2.03 16.06
C ILE A 481 7.48 -0.51 16.07
N LYS A 482 8.42 0.03 16.87
CA LYS A 482 8.76 1.49 16.86
C LYS A 482 8.71 2.02 15.45
N ASP A 483 9.44 1.30 14.62
CA ASP A 483 9.61 1.52 13.20
C ASP A 483 8.32 1.51 12.32
N ARG A 484 7.32 0.71 12.70
CA ARG A 484 6.26 0.32 11.78
C ARG A 484 4.83 0.75 12.13
N LEU A 485 4.61 1.16 13.36
CA LEU A 485 3.30 1.59 13.79
C LEU A 485 3.39 2.99 14.40
N ALA A 486 2.31 3.75 14.28
CA ALA A 486 2.15 4.98 15.08
C ALA A 486 2.18 4.65 16.59
N PRO A 487 2.74 5.59 17.37
CA PRO A 487 2.98 5.39 18.80
C PRO A 487 1.74 5.03 19.61
N TYR A 488 0.57 5.54 19.22
CA TYR A 488 -0.65 5.26 19.93
C TYR A 488 -1.07 3.79 19.74
N LYS A 489 -0.50 3.10 18.73
CA LYS A 489 -0.81 1.70 18.45
C LYS A 489 0.12 0.79 19.16
N TYR A 490 1.11 1.31 19.87
CA TYR A 490 2.09 0.43 20.54
C TYR A 490 1.38 -0.44 21.62
N PRO A 491 1.66 -1.76 21.66
CA PRO A 491 1.09 -2.50 22.80
C PRO A 491 1.67 -1.97 24.08
N ARG A 492 0.82 -1.80 25.09
CA ARG A 492 1.24 -1.33 26.40
C ARG A 492 2.09 -2.41 27.07
N SER A 493 1.74 -3.68 26.85
CA SER A 493 2.58 -4.81 27.25
C SER A 493 2.46 -5.93 26.22
N THR A 494 3.49 -6.77 26.19
CA THR A 494 3.53 -7.98 25.38
C THR A 494 3.77 -9.14 26.29
N VAL A 495 2.95 -10.17 26.21
CA VAL A 495 3.16 -11.36 27.00
C VAL A 495 3.54 -12.49 26.03
N PHE A 496 4.65 -13.17 26.34
CA PHE A 496 5.11 -14.26 25.53
C PHE A 496 4.47 -15.49 26.10
N VAL A 497 3.79 -16.23 25.24
CA VAL A 497 3.07 -17.46 25.62
C VAL A 497 3.45 -18.63 24.68
N ALA A 498 3.24 -19.89 25.16
CA ALA A 498 3.56 -21.04 24.36
C ALA A 498 2.43 -21.40 23.39
N GLU A 499 1.22 -20.99 23.65
CA GLU A 499 0.09 -21.26 22.72
C GLU A 499 -1.03 -20.24 23.01
N LEU A 500 -1.94 -20.05 22.06
CA LEU A 500 -3.12 -19.24 22.27
C LEU A 500 -4.38 -20.14 22.37
N PRO A 501 -5.42 -19.71 23.14
CA PRO A 501 -6.69 -20.43 23.16
C PRO A 501 -7.40 -20.31 21.81
N LYS A 502 -7.89 -21.43 21.30
CA LYS A 502 -8.48 -21.53 20.00
C LYS A 502 -9.71 -22.43 19.95
N THR A 503 -10.59 -22.17 19.02
CA THR A 503 -11.64 -23.12 18.65
C THR A 503 -11.02 -24.29 17.91
N ALA A 504 -11.76 -25.41 17.88
CA ALA A 504 -11.31 -26.61 17.14
C ALA A 504 -11.02 -26.29 15.68
N THR A 505 -11.49 -25.15 15.15
CA THR A 505 -11.08 -24.72 13.80
C THR A 505 -9.85 -23.79 13.67
N GLY A 506 -9.22 -23.41 14.79
CA GLY A 506 -8.06 -22.52 14.72
C GLY A 506 -8.33 -21.07 14.91
N LYS A 507 -9.60 -20.71 15.15
CA LYS A 507 -9.92 -19.33 15.47
C LYS A 507 -9.47 -18.97 16.90
N ILE A 508 -8.83 -17.83 17.04
CA ILE A 508 -8.28 -17.46 18.35
C ILE A 508 -9.48 -16.95 19.14
N GLN A 509 -9.62 -17.44 20.36
CA GLN A 509 -10.70 -17.02 21.30
C GLN A 509 -10.26 -15.80 22.08
N ARG A 510 -10.38 -14.68 21.40
CA ARG A 510 -9.89 -13.44 21.95
C ARG A 510 -10.60 -13.15 23.29
N PHE A 511 -11.85 -13.60 23.41
CA PHE A 511 -12.55 -13.33 24.65
C PHE A 511 -11.88 -13.97 25.86
N LYS A 512 -11.24 -15.10 25.67
CA LYS A 512 -10.50 -15.74 26.77
C LYS A 512 -9.28 -14.97 27.17
N LEU A 513 -8.69 -14.23 26.22
CA LEU A 513 -7.51 -13.45 26.52
C LEU A 513 -7.93 -12.27 27.34
N ARG A 514 -9.08 -11.69 27.03
CA ARG A 514 -9.59 -10.59 27.85
C ARG A 514 -9.99 -11.05 29.24
N GLU A 515 -10.41 -12.31 29.37
CA GLU A 515 -10.78 -12.86 30.68
C GLU A 515 -9.58 -13.37 31.51
N GLY A 516 -8.34 -13.18 31.04
CA GLY A 516 -7.10 -13.56 31.80
C GLY A 516 -6.58 -15.00 31.69
N VAL B 1 7.38 -23.95 -37.16
CA VAL B 1 6.54 -24.40 -36.02
C VAL B 1 5.07 -24.31 -36.41
N THR B 2 4.29 -25.32 -36.16
CA THR B 2 2.90 -25.24 -36.54
C THR B 2 2.09 -24.61 -35.42
N PRO B 3 1.15 -23.71 -35.79
CA PRO B 3 0.31 -23.03 -34.79
C PRO B 3 -0.52 -23.97 -33.97
N PRO B 4 -0.75 -23.63 -32.70
CA PRO B 4 -1.62 -24.45 -31.90
C PRO B 4 -3.03 -24.48 -32.44
N PRO B 5 -3.77 -25.56 -32.19
CA PRO B 5 -5.16 -25.57 -32.67
C PRO B 5 -6.02 -24.51 -31.99
N GLU B 6 -7.16 -24.14 -32.60
CA GLU B 6 -8.04 -23.13 -32.02
C GLU B 6 -8.55 -23.52 -30.60
N LYS B 7 -8.93 -24.78 -30.42
CA LYS B 7 -9.31 -25.36 -29.15
C LYS B 7 -8.01 -25.84 -28.49
N PHE B 8 -7.61 -25.21 -27.39
CA PHE B 8 -6.24 -25.46 -26.89
C PHE B 8 -6.21 -25.05 -25.42
N ASN B 9 -5.81 -25.98 -24.61
CA ASN B 9 -5.56 -25.75 -23.22
C ASN B 9 -4.09 -26.03 -23.01
N PHE B 10 -3.32 -25.01 -22.60
CA PHE B 10 -1.84 -25.17 -22.50
C PHE B 10 -1.41 -26.24 -21.46
N ALA B 11 -2.08 -26.33 -20.33
CA ALA B 11 -1.79 -27.39 -19.36
C ALA B 11 -2.05 -28.79 -19.95
N GLU B 12 -3.20 -28.97 -20.57
CA GLU B 12 -3.52 -30.27 -21.20
C GLU B 12 -2.42 -30.63 -22.24
N HIS B 13 -2.01 -29.65 -23.03
CA HIS B 13 -0.88 -29.82 -23.92
C HIS B 13 0.41 -30.36 -23.28
N LEU B 14 0.83 -29.80 -22.15
CA LEU B 14 2.08 -30.20 -21.53
C LEU B 14 1.88 -31.57 -20.89
N LEU B 15 0.67 -31.86 -20.39
CA LEU B 15 0.42 -33.17 -19.80
C LEU B 15 0.42 -34.23 -20.92
N GLN B 16 -0.25 -33.93 -22.04
CA GLN B 16 -0.35 -34.91 -23.12
C GLN B 16 1.01 -35.22 -23.66
N THR B 17 1.85 -34.18 -23.80
CA THR B 17 3.21 -34.32 -24.32
C THR B 17 4.01 -35.35 -23.53
N ASN B 18 3.81 -35.44 -22.22
CA ASN B 18 4.63 -36.31 -21.38
C ASN B 18 3.97 -37.66 -21.00
N ARG B 19 2.89 -38.01 -21.67
CA ARG B 19 2.24 -39.33 -21.39
C ARG B 19 3.12 -40.46 -21.87
N VAL B 20 4.04 -40.17 -22.76
CA VAL B 20 5.02 -41.16 -23.16
C VAL B 20 6.11 -41.46 -22.10
N ARG B 21 6.23 -40.64 -21.05
CA ARG B 21 7.28 -40.75 -20.10
C ARG B 21 6.79 -40.62 -18.66
N PRO B 22 5.77 -41.42 -18.28
CA PRO B 22 5.11 -41.26 -17.01
C PRO B 22 6.02 -41.36 -15.83
N ASP B 23 7.05 -42.19 -15.95
CA ASP B 23 7.92 -42.48 -14.80
C ASP B 23 9.19 -41.71 -14.74
N LYS B 24 9.43 -40.83 -15.70
CA LYS B 24 10.60 -39.96 -15.66
C LYS B 24 10.31 -38.84 -14.63
N THR B 25 11.31 -38.43 -13.86
CA THR B 25 11.21 -37.28 -13.01
C THR B 25 10.91 -35.97 -13.75
N ALA B 26 9.82 -35.28 -13.37
CA ALA B 26 9.44 -34.01 -14.00
C ALA B 26 10.08 -32.92 -13.23
N PHE B 27 9.90 -32.96 -11.90
CA PHE B 27 10.41 -31.91 -11.02
C PHE B 27 10.98 -32.48 -9.77
N VAL B 28 12.11 -31.95 -9.34
CA VAL B 28 12.65 -32.38 -8.07
C VAL B 28 13.12 -31.17 -7.31
N ASP B 29 12.89 -31.12 -5.99
CA ASP B 29 13.46 -30.04 -5.16
C ASP B 29 14.23 -30.63 -3.92
N ASP B 30 14.58 -29.78 -2.94
CA ASP B 30 15.29 -30.29 -1.73
C ASP B 30 14.46 -31.42 -1.04
N ILE B 31 13.17 -31.41 -1.13
CA ILE B 31 12.45 -32.38 -0.30
C ILE B 31 11.60 -33.37 -1.02
N SER B 32 11.28 -33.15 -2.27
CA SER B 32 10.26 -33.96 -2.92
C SER B 32 10.57 -34.10 -4.41
N SER B 33 9.87 -35.02 -5.08
CA SER B 33 10.02 -35.23 -6.50
C SER B 33 8.70 -35.65 -7.02
N LEU B 34 8.44 -35.31 -8.27
CA LEU B 34 7.23 -35.68 -9.01
C LEU B 34 7.67 -36.23 -10.36
N SER B 35 7.26 -37.47 -10.63
CA SER B 35 7.30 -38.01 -12.02
C SER B 35 6.28 -37.27 -12.85
N PHE B 36 6.36 -37.38 -14.16
CA PHE B 36 5.36 -36.80 -15.01
C PHE B 36 3.94 -37.31 -14.68
N ALA B 37 3.81 -38.62 -14.39
CA ALA B 37 2.48 -39.15 -14.08
C ALA B 37 1.96 -38.57 -12.72
N GLN B 38 2.80 -38.47 -11.73
CA GLN B 38 2.41 -37.89 -10.43
C GLN B 38 2.05 -36.39 -10.58
N LEU B 39 2.81 -35.70 -11.43
CA LEU B 39 2.51 -34.32 -11.75
C LEU B 39 1.14 -34.22 -12.41
N GLU B 40 0.89 -35.05 -13.39
CA GLU B 40 -0.42 -35.06 -13.99
C GLU B 40 -1.57 -35.26 -13.00
N ALA B 41 -1.45 -36.27 -12.16
CA ALA B 41 -2.51 -36.57 -11.18
C ALA B 41 -2.74 -35.39 -10.25
N GLN B 42 -1.67 -34.85 -9.71
CA GLN B 42 -1.74 -33.72 -8.76
C GLN B 42 -2.30 -32.46 -9.42
N THR B 43 -1.86 -32.19 -10.65
CA THR B 43 -2.38 -31.10 -11.44
C THR B 43 -3.91 -31.20 -11.63
N ARG B 44 -4.39 -32.40 -12.02
CA ARG B 44 -5.78 -32.53 -12.28
C ARG B 44 -6.61 -32.55 -10.98
N GLN B 45 -6.03 -33.00 -9.87
CA GLN B 45 -6.73 -33.03 -8.56
C GLN B 45 -6.83 -31.58 -8.02
N LEU B 46 -5.75 -30.82 -8.19
CA LEU B 46 -5.75 -29.39 -7.82
C LEU B 46 -6.79 -28.63 -8.66
N ALA B 47 -6.81 -28.88 -9.93
CA ALA B 47 -7.85 -28.30 -10.81
C ALA B 47 -9.29 -28.58 -10.27
N ALA B 48 -9.53 -29.84 -9.89
CA ALA B 48 -10.86 -30.25 -9.28
C ALA B 48 -11.10 -29.50 -7.98
N ALA B 49 -10.07 -29.45 -7.14
CA ALA B 49 -10.11 -28.78 -5.82
C ALA B 49 -10.52 -27.29 -5.93
N LEU B 50 -9.92 -26.60 -6.90
CA LEU B 50 -10.23 -25.20 -7.15
C LEU B 50 -11.69 -25.02 -7.58
N ARG B 51 -12.14 -25.87 -8.47
CA ARG B 51 -13.54 -25.89 -8.87
C ARG B 51 -14.47 -26.16 -7.72
N ALA B 52 -14.11 -27.05 -6.83
CA ALA B 52 -14.93 -27.43 -5.68
C ALA B 52 -15.03 -26.29 -4.65
N ILE B 53 -14.07 -25.35 -4.56
CA ILE B 53 -14.27 -24.25 -3.68
C ILE B 53 -14.93 -23.09 -4.40
N GLY B 54 -15.49 -23.34 -5.57
CA GLY B 54 -16.28 -22.34 -6.25
C GLY B 54 -15.54 -21.36 -7.16
N VAL B 55 -14.26 -21.61 -7.46
CA VAL B 55 -13.60 -20.73 -8.41
C VAL B 55 -14.00 -21.12 -9.84
N LYS B 56 -14.45 -20.14 -10.60
CA LYS B 56 -14.96 -20.39 -11.93
C LYS B 56 -13.93 -20.10 -13.04
N ARG B 57 -14.23 -20.66 -14.20
CA ARG B 57 -13.48 -20.30 -15.40
C ARG B 57 -13.34 -18.79 -15.50
N GLU B 58 -12.12 -18.38 -15.91
CA GLU B 58 -11.77 -16.99 -16.15
C GLU B 58 -11.45 -16.20 -14.90
N GLU B 59 -11.90 -16.65 -13.74
CA GLU B 59 -11.53 -16.01 -12.48
C GLU B 59 -10.01 -16.19 -12.18
N ARG B 60 -9.44 -15.27 -11.44
CA ARG B 60 -8.02 -15.29 -11.08
C ARG B 60 -7.79 -15.94 -9.75
N VAL B 61 -6.63 -16.56 -9.56
CA VAL B 61 -6.14 -16.92 -8.26
C VAL B 61 -4.71 -16.39 -8.14
N LEU B 62 -4.30 -16.02 -6.94
CA LEU B 62 -2.95 -15.49 -6.73
C LEU B 62 -2.01 -16.66 -6.39
N LEU B 63 -0.91 -16.75 -7.13
CA LEU B 63 0.13 -17.79 -6.92
C LEU B 63 1.35 -17.11 -6.33
N LEU B 64 1.55 -17.26 -5.02
CA LEU B 64 2.62 -16.59 -4.26
C LEU B 64 3.42 -17.65 -3.56
N MET B 65 4.34 -18.21 -4.29
CA MET B 65 4.99 -19.47 -3.91
CA MET B 65 4.98 -19.42 -3.87
C MET B 65 6.45 -19.49 -4.29
N LEU B 66 7.25 -19.99 -3.37
CA LEU B 66 8.63 -20.32 -3.60
C LEU B 66 8.77 -21.46 -4.62
N ASP B 67 9.92 -21.53 -5.27
CA ASP B 67 10.10 -22.58 -6.27
C ASP B 67 10.16 -23.95 -5.51
N GLY B 68 9.46 -24.92 -6.03
CA GLY B 68 9.43 -26.24 -5.54
C GLY B 68 8.33 -26.98 -6.27
N THR B 69 8.24 -28.30 -6.00
CA THR B 69 7.29 -29.14 -6.77
C THR B 69 5.82 -28.71 -6.75
N ASP B 70 5.35 -28.06 -5.67
CA ASP B 70 3.99 -27.60 -5.66
C ASP B 70 3.69 -26.49 -6.68
N TRP B 71 4.70 -25.72 -7.02
CA TRP B 71 4.50 -24.56 -7.90
C TRP B 71 3.91 -24.94 -9.26
N PRO B 72 4.53 -25.90 -10.00
CA PRO B 72 3.95 -26.22 -11.32
C PRO B 72 2.58 -26.90 -11.16
N VAL B 73 2.40 -27.62 -10.06
CA VAL B 73 1.08 -28.18 -9.74
C VAL B 73 0.03 -27.09 -9.60
N ALA B 74 0.33 -26.01 -8.87
CA ALA B 74 -0.61 -24.90 -8.70
C ALA B 74 -0.86 -24.19 -10.04
N PHE B 75 0.22 -23.91 -10.74
CA PHE B 75 0.15 -23.18 -12.01
C PHE B 75 -0.63 -23.96 -13.05
N LEU B 76 -0.19 -25.19 -13.29
CA LEU B 76 -0.83 -25.97 -14.30
C LEU B 76 -2.23 -26.39 -13.90
N GLY B 77 -2.46 -26.61 -12.60
CA GLY B 77 -3.79 -27.07 -12.15
C GLY B 77 -4.84 -26.01 -12.37
N ALA B 78 -4.50 -24.76 -12.02
CA ALA B 78 -5.36 -23.60 -12.33
C ALA B 78 -5.64 -23.55 -13.84
N ILE B 79 -4.62 -23.64 -14.67
CA ILE B 79 -4.79 -23.56 -16.11
C ILE B 79 -5.64 -24.67 -16.67
N TYR B 80 -5.43 -25.86 -16.15
CA TYR B 80 -6.19 -27.06 -16.62
C TYR B 80 -7.69 -26.78 -16.36
N ALA B 81 -7.96 -26.16 -15.24
CA ALA B 81 -9.40 -25.81 -14.81
C ALA B 81 -9.96 -24.57 -15.56
N GLY B 82 -9.15 -23.88 -16.35
CA GLY B 82 -9.57 -22.62 -16.97
C GLY B 82 -9.60 -21.44 -16.04
N ILE B 83 -8.94 -21.59 -14.91
CA ILE B 83 -8.79 -20.54 -13.92
C ILE B 83 -7.43 -19.87 -14.21
N VAL B 84 -7.33 -18.56 -14.00
CA VAL B 84 -6.14 -17.78 -14.42
C VAL B 84 -5.24 -17.53 -13.20
N PRO B 85 -4.09 -18.25 -13.09
CA PRO B 85 -3.19 -17.99 -11.99
C PRO B 85 -2.41 -16.71 -12.29
N VAL B 86 -2.17 -15.92 -11.24
CA VAL B 86 -1.47 -14.66 -11.25
C VAL B 86 -0.21 -14.94 -10.47
N ALA B 87 0.87 -15.17 -11.21
CA ALA B 87 2.09 -15.65 -10.61
C ALA B 87 2.97 -14.46 -10.20
N VAL B 88 3.35 -14.34 -8.91
CA VAL B 88 3.97 -13.06 -8.45
C VAL B 88 5.26 -13.28 -7.68
N ASN B 89 6.05 -12.25 -7.72
CA ASN B 89 7.32 -12.18 -7.02
C ASN B 89 7.14 -12.43 -5.57
N THR B 90 8.04 -13.23 -4.99
CA THR B 90 7.95 -13.64 -3.60
C THR B 90 8.65 -12.73 -2.56
N LEU B 91 9.22 -11.62 -3.03
CA LEU B 91 10.02 -10.73 -2.20
C LEU B 91 9.36 -9.39 -1.97
N LEU B 92 8.09 -9.28 -2.27
CA LEU B 92 7.40 -7.98 -2.19
C LEU B 92 6.82 -7.76 -0.81
N THR B 93 6.28 -6.56 -0.62
CA THR B 93 5.72 -6.15 0.67
C THR B 93 4.23 -6.46 0.77
N ALA B 94 3.71 -6.33 1.98
CA ALA B 94 2.24 -6.49 2.19
C ALA B 94 1.43 -5.46 1.38
N ASP B 95 1.95 -4.22 1.26
CA ASP B 95 1.27 -3.21 0.47
C ASP B 95 1.25 -3.61 -1.03
N ASP B 96 2.34 -4.19 -1.52
CA ASP B 96 2.39 -4.68 -2.91
C ASP B 96 1.34 -5.73 -3.18
N TYR B 97 1.27 -6.74 -2.32
CA TYR B 97 0.29 -7.77 -2.46
C TYR B 97 -1.15 -7.34 -2.28
N ALA B 98 -1.34 -6.39 -1.38
CA ALA B 98 -2.67 -5.81 -1.13
C ALA B 98 -3.25 -5.34 -2.49
N TYR B 99 -2.42 -4.58 -3.22
CA TYR B 99 -2.81 -4.02 -4.49
C TYR B 99 -3.12 -5.14 -5.49
N MET B 100 -2.22 -6.13 -5.58
CA MET B 100 -2.38 -7.24 -6.50
C MET B 100 -3.65 -8.02 -6.23
N LEU B 101 -4.00 -8.21 -4.95
CA LEU B 101 -5.24 -8.93 -4.63
C LEU B 101 -6.46 -8.14 -5.10
N GLU B 102 -6.45 -6.83 -4.84
CA GLU B 102 -7.52 -5.92 -5.29
C GLU B 102 -7.69 -5.88 -6.79
N HIS B 103 -6.56 -5.60 -7.43
CA HIS B 103 -6.54 -5.46 -8.91
C HIS B 103 -6.89 -6.73 -9.65
N SER B 104 -6.30 -7.88 -9.26
CA SER B 104 -6.64 -9.14 -9.84
C SER B 104 -8.02 -9.69 -9.48
N ARG B 105 -8.63 -9.20 -8.39
CA ARG B 105 -9.83 -9.83 -7.83
C ARG B 105 -9.67 -11.32 -7.62
N ALA B 106 -8.50 -11.67 -7.12
CA ALA B 106 -8.15 -13.07 -6.88
C ALA B 106 -9.20 -13.65 -5.92
N GLN B 107 -9.75 -14.81 -6.31
CA GLN B 107 -10.76 -15.55 -5.56
C GLN B 107 -10.16 -16.53 -4.55
N ALA B 108 -8.89 -16.88 -4.75
CA ALA B 108 -8.18 -17.71 -3.83
C ALA B 108 -6.71 -17.39 -3.94
N VAL B 109 -5.95 -17.81 -2.91
CA VAL B 109 -4.48 -17.66 -2.90
C VAL B 109 -3.82 -18.96 -2.62
N LEU B 110 -2.84 -19.33 -3.44
CA LEU B 110 -1.95 -20.44 -3.17
C LEU B 110 -0.61 -19.89 -2.73
N VAL B 111 -0.20 -20.16 -1.51
CA VAL B 111 0.90 -19.44 -0.84
C VAL B 111 1.86 -20.41 -0.11
N SER B 112 3.15 -20.13 -0.19
CA SER B 112 4.13 -20.92 0.60
C SER B 112 4.01 -20.50 2.07
N GLY B 113 4.22 -21.43 3.01
CA GLY B 113 4.13 -21.05 4.41
C GLY B 113 5.05 -19.95 4.82
N ALA B 114 6.26 -19.90 4.24
CA ALA B 114 7.18 -18.80 4.52
C ALA B 114 6.62 -17.39 4.18
N LEU B 115 5.70 -17.35 3.22
CA LEU B 115 5.15 -16.08 2.71
C LEU B 115 3.78 -15.77 3.35
N HIS B 116 3.30 -16.70 4.17
CA HIS B 116 2.02 -16.52 4.83
C HIS B 116 1.91 -15.23 5.71
N PRO B 117 2.95 -14.90 6.53
CA PRO B 117 2.84 -13.65 7.29
C PRO B 117 2.64 -12.37 6.41
N VAL B 118 3.36 -12.26 5.31
CA VAL B 118 3.20 -11.09 4.45
C VAL B 118 1.84 -11.10 3.78
N LEU B 119 1.40 -12.26 3.36
CA LEU B 119 0.05 -12.38 2.78
C LEU B 119 -1.03 -12.04 3.83
N LYS B 120 -0.89 -12.55 5.06
CA LYS B 120 -1.88 -12.20 6.10
C LYS B 120 -2.02 -10.73 6.31
N ALA B 121 -0.88 -10.02 6.33
CA ALA B 121 -0.92 -8.53 6.37
C ALA B 121 -1.68 -7.93 5.20
N ALA B 122 -1.39 -8.40 3.98
CA ALA B 122 -2.06 -7.92 2.78
C ALA B 122 -3.56 -8.13 2.90
N LEU B 123 -3.95 -9.34 3.31
CA LEU B 123 -5.37 -9.66 3.46
C LEU B 123 -6.11 -8.79 4.46
N THR B 124 -5.44 -8.44 5.54
CA THR B 124 -6.03 -7.62 6.62
C THR B 124 -6.34 -6.20 6.10
N LYS B 125 -5.46 -5.65 5.28
CA LYS B 125 -5.59 -4.25 4.90
C LYS B 125 -6.32 -3.94 3.61
N SER B 126 -6.62 -4.96 2.84
CA SER B 126 -6.99 -4.76 1.46
C SER B 126 -8.52 -5.02 1.27
N ASP B 127 -9.09 -4.45 0.24
CA ASP B 127 -10.48 -4.78 -0.13
C ASP B 127 -10.45 -5.94 -1.13
N HIS B 128 -10.17 -7.13 -0.64
CA HIS B 128 -9.90 -8.24 -1.52
C HIS B 128 -11.18 -9.08 -1.63
N GLU B 129 -11.18 -10.04 -2.51
CA GLU B 129 -12.23 -11.05 -2.65
C GLU B 129 -11.79 -12.45 -2.42
N VAL B 130 -10.77 -12.66 -1.61
CA VAL B 130 -10.19 -13.99 -1.44
C VAL B 130 -11.13 -14.79 -0.55
N GLN B 131 -11.57 -15.94 -1.04
CA GLN B 131 -12.47 -16.86 -0.31
C GLN B 131 -11.69 -17.94 0.47
N ARG B 132 -10.53 -18.39 -0.07
CA ARG B 132 -9.80 -19.52 0.51
C ARG B 132 -8.31 -19.24 0.30
N VAL B 133 -7.55 -19.63 1.28
CA VAL B 133 -6.06 -19.63 1.21
C VAL B 133 -5.56 -21.08 1.36
N ILE B 134 -4.77 -21.53 0.36
CA ILE B 134 -4.18 -22.84 0.29
C ILE B 134 -2.68 -22.73 0.60
N VAL B 135 -2.20 -23.39 1.64
CA VAL B 135 -0.87 -23.11 2.13
C VAL B 135 0.04 -24.29 1.89
N SER B 136 1.04 -24.08 0.99
CA SER B 136 2.06 -25.09 0.77
C SER B 136 3.16 -24.97 1.80
N ARG B 137 3.44 -26.07 2.50
CA ARG B 137 4.41 -26.13 3.60
C ARG B 137 4.10 -25.06 4.65
N PRO B 138 2.97 -25.18 5.30
CA PRO B 138 2.70 -24.22 6.41
C PRO B 138 3.78 -24.18 7.48
N ALA B 139 4.08 -22.97 7.96
CA ALA B 139 5.09 -22.74 8.97
C ALA B 139 4.50 -22.15 10.26
N ALA B 140 3.18 -22.23 10.37
CA ALA B 140 2.43 -21.69 11.53
C ALA B 140 1.05 -22.33 11.46
N PRO B 141 0.29 -22.35 12.55
CA PRO B 141 -1.05 -22.96 12.53
C PRO B 141 -1.96 -22.29 11.53
N LEU B 142 -2.74 -23.11 10.88
CA LEU B 142 -3.76 -22.66 9.93
C LEU B 142 -4.94 -21.92 10.59
N GLU B 143 -5.37 -20.84 9.95
CA GLU B 143 -6.50 -20.04 10.41
C GLU B 143 -7.76 -20.56 9.69
N PRO B 144 -8.96 -20.21 10.16
CA PRO B 144 -10.13 -20.71 9.48
C PRO B 144 -10.18 -20.25 8.02
N GLY B 145 -10.55 -21.13 7.09
CA GLY B 145 -10.53 -20.74 5.69
C GLY B 145 -9.25 -21.14 4.98
N GLU B 146 -8.26 -21.60 5.77
CA GLU B 146 -6.97 -22.00 5.24
C GLU B 146 -6.93 -23.49 5.17
N VAL B 147 -6.20 -24.05 4.22
CA VAL B 147 -6.07 -25.49 4.12
C VAL B 147 -4.67 -25.81 3.65
N ASP B 148 -4.12 -26.91 4.14
CA ASP B 148 -2.82 -27.40 3.65
C ASP B 148 -2.92 -27.80 2.21
N PHE B 149 -1.89 -27.46 1.46
CA PHE B 149 -1.91 -27.72 -0.03
C PHE B 149 -2.05 -29.24 -0.33
N ALA B 150 -1.30 -30.10 0.35
CA ALA B 150 -1.35 -31.53 0.05
C ALA B 150 -2.71 -32.09 0.46
N GLU B 151 -3.24 -31.66 1.61
CA GLU B 151 -4.63 -32.06 2.03
C GLU B 151 -5.65 -31.64 0.96
N PHE B 152 -5.52 -30.41 0.43
CA PHE B 152 -6.43 -29.85 -0.55
C PHE B 152 -6.39 -30.68 -1.82
N VAL B 153 -5.15 -30.98 -2.28
CA VAL B 153 -4.98 -31.73 -3.52
C VAL B 153 -5.46 -33.20 -3.28
N GLY B 154 -5.11 -33.78 -2.16
CA GLY B 154 -5.45 -35.20 -1.82
C GLY B 154 -6.97 -35.42 -1.62
N ALA B 155 -7.74 -34.36 -1.37
CA ALA B 155 -9.17 -34.48 -1.09
C ALA B 155 -10.03 -34.53 -2.32
N HIS B 156 -9.46 -34.38 -3.54
CA HIS B 156 -10.25 -34.35 -4.71
C HIS B 156 -9.70 -35.30 -5.78
N ALA B 157 -10.60 -35.97 -6.47
CA ALA B 157 -10.24 -36.83 -7.56
C ALA B 157 -9.88 -35.95 -8.75
N PRO B 158 -9.09 -36.52 -9.71
CA PRO B 158 -8.74 -35.69 -10.87
C PRO B 158 -9.87 -35.26 -11.69
N LEU B 159 -9.87 -34.01 -12.13
CA LEU B 159 -10.84 -33.51 -13.08
C LEU B 159 -10.67 -34.28 -14.39
N GLU B 160 -11.78 -34.65 -15.01
CA GLU B 160 -11.81 -35.60 -16.14
C GLU B 160 -11.31 -34.96 -17.39
N LYS B 161 -11.66 -33.71 -17.62
CA LYS B 161 -11.28 -33.03 -18.79
C LYS B 161 -10.83 -31.61 -18.35
N PRO B 162 -9.91 -31.02 -19.13
CA PRO B 162 -9.62 -29.57 -18.94
C PRO B 162 -10.79 -28.71 -19.35
N ALA B 163 -10.81 -27.48 -18.87
CA ALA B 163 -11.69 -26.52 -19.44
C ALA B 163 -11.46 -26.42 -20.95
N ALA B 164 -12.56 -26.24 -21.72
CA ALA B 164 -12.56 -26.17 -23.18
C ALA B 164 -12.12 -24.78 -23.63
N THR B 165 -10.89 -24.43 -23.26
CA THR B 165 -10.38 -23.11 -23.64
C THR B 165 -9.94 -23.02 -25.07
N GLN B 166 -9.84 -21.79 -25.54
CA GLN B 166 -9.29 -21.50 -26.84
C GLN B 166 -7.87 -20.98 -26.73
N ALA B 167 -7.12 -21.14 -27.80
CA ALA B 167 -5.70 -20.75 -27.87
C ALA B 167 -5.48 -19.32 -27.45
N ASP B 168 -6.37 -18.42 -27.84
CA ASP B 168 -6.23 -16.99 -27.56
C ASP B 168 -6.99 -16.52 -26.33
N ASP B 169 -7.56 -17.43 -25.53
CA ASP B 169 -8.13 -17.04 -24.25
C ASP B 169 -7.01 -16.80 -23.22
N PRO B 170 -7.24 -15.89 -22.29
CA PRO B 170 -6.29 -15.65 -21.19
C PRO B 170 -6.00 -16.91 -20.44
N ALA B 171 -4.74 -17.16 -20.15
CA ALA B 171 -4.34 -18.36 -19.42
C ALA B 171 -3.74 -18.00 -18.06
N PHE B 172 -2.94 -16.93 -18.02
CA PHE B 172 -2.28 -16.54 -16.77
C PHE B 172 -1.80 -15.07 -16.83
N TRP B 173 -1.51 -14.44 -15.66
CA TRP B 173 -0.95 -13.13 -15.64
C TRP B 173 0.41 -13.17 -14.96
N LEU B 174 1.22 -12.16 -15.30
CA LEU B 174 2.41 -11.76 -14.56
C LEU B 174 2.29 -10.27 -14.35
N TYR B 175 2.89 -9.74 -13.28
CA TYR B 175 2.89 -8.30 -13.08
C TYR B 175 4.22 -7.68 -13.56
N SER B 176 4.17 -6.50 -14.17
CA SER B 176 5.35 -5.80 -14.58
C SER B 176 5.35 -4.36 -14.01
N SER B 177 6.43 -4.01 -13.36
CA SER B 177 6.61 -2.68 -12.81
C SER B 177 6.91 -1.65 -13.86
N GLY B 178 6.53 -0.41 -13.62
CA GLY B 178 6.91 0.74 -14.51
C GLY B 178 7.64 1.79 -13.71
N SER B 179 7.97 2.93 -14.31
CA SER B 179 8.80 3.84 -13.53
C SER B 179 7.98 4.52 -12.45
N THR B 180 6.71 4.67 -12.73
CA THR B 180 5.74 5.25 -11.79
C THR B 180 4.42 4.49 -11.96
N GLY B 181 3.53 4.62 -10.98
CA GLY B 181 2.26 3.96 -11.07
C GLY B 181 2.25 2.54 -10.60
N ARG B 182 1.05 1.98 -10.59
CA ARG B 182 0.87 0.63 -10.13
C ARG B 182 1.58 -0.38 -11.10
N PRO B 183 1.97 -1.55 -10.59
CA PRO B 183 2.46 -2.58 -11.55
C PRO B 183 1.29 -3.04 -12.46
N LYS B 184 1.62 -3.47 -13.68
CA LYS B 184 0.66 -3.72 -14.73
C LYS B 184 0.41 -5.21 -14.82
N GLY B 185 -0.86 -5.59 -14.89
CA GLY B 185 -1.28 -6.99 -15.03
C GLY B 185 -1.18 -7.51 -16.48
N VAL B 186 -0.07 -8.18 -16.80
CA VAL B 186 0.22 -8.62 -18.17
C VAL B 186 -0.53 -9.90 -18.45
N VAL B 187 -1.45 -9.85 -19.39
CA VAL B 187 -2.36 -10.97 -19.71
C VAL B 187 -1.81 -11.85 -20.84
N HIS B 188 -1.44 -13.08 -20.51
CA HIS B 188 -0.94 -14.07 -21.47
C HIS B 188 -2.03 -15.12 -21.78
N THR B 189 -1.98 -15.62 -23.00
CA THR B 189 -2.92 -16.57 -23.49
C THR B 189 -2.32 -18.00 -23.45
N HIS B 190 -3.18 -19.00 -23.67
CA HIS B 190 -2.75 -20.37 -23.78
C HIS B 190 -1.72 -20.56 -24.90
N ALA B 191 -1.83 -19.81 -26.00
CA ALA B 191 -0.90 -19.97 -27.12
C ALA B 191 0.50 -19.43 -26.77
N ASN B 192 0.59 -18.43 -25.93
CA ASN B 192 1.86 -17.67 -25.83
C ASN B 192 3.00 -18.57 -25.32
N PRO B 193 2.77 -19.39 -24.29
CA PRO B 193 3.90 -20.23 -23.82
C PRO B 193 4.15 -21.44 -24.72
N TYR B 194 3.18 -21.81 -25.57
CA TYR B 194 3.50 -22.79 -26.66
C TYR B 194 4.58 -22.14 -27.58
N TRP B 195 4.35 -20.93 -28.02
CA TRP B 195 5.26 -20.31 -28.97
C TRP B 195 6.65 -20.08 -28.39
N THR B 196 6.74 -19.58 -27.15
CA THR B 196 8.09 -19.37 -26.59
C THR B 196 8.78 -20.75 -26.46
N SER B 197 8.08 -21.80 -26.05
CA SER B 197 8.72 -23.05 -25.76
C SER B 197 9.19 -23.73 -27.04
N GLU B 198 8.45 -23.53 -28.14
CA GLU B 198 8.84 -24.08 -29.47
C GLU B 198 9.93 -23.23 -30.14
N LEU B 199 9.72 -21.94 -30.19
CA LEU B 199 10.63 -21.09 -30.90
C LEU B 199 11.93 -20.86 -30.17
N TYR B 200 11.90 -20.80 -28.82
CA TYR B 200 13.14 -20.51 -28.10
C TYR B 200 13.67 -21.76 -27.40
N GLY B 201 12.83 -22.36 -26.55
CA GLY B 201 13.25 -23.55 -25.83
C GLY B 201 13.76 -24.64 -26.75
N ARG B 202 12.93 -25.00 -27.72
CA ARG B 202 13.26 -26.12 -28.60
C ARG B 202 14.20 -25.67 -29.72
N ASN B 203 13.79 -24.68 -30.49
CA ASN B 203 14.39 -24.39 -31.78
C ASN B 203 15.62 -23.51 -31.68
N THR B 204 15.82 -22.83 -30.54
CA THR B 204 16.99 -22.03 -30.33
C THR B 204 17.97 -22.67 -29.37
N LEU B 205 17.50 -23.05 -28.17
CA LEU B 205 18.37 -23.68 -27.17
C LEU B 205 18.59 -25.15 -27.46
N HIS B 206 17.71 -25.76 -28.26
CA HIS B 206 17.78 -27.23 -28.46
C HIS B 206 17.74 -28.04 -27.19
N LEU B 207 16.90 -27.61 -26.26
CA LEU B 207 16.65 -28.42 -25.08
C LEU B 207 16.17 -29.81 -25.47
N ARG B 208 16.55 -30.82 -24.72
CA ARG B 208 16.10 -32.18 -25.02
C ARG B 208 15.70 -32.99 -23.79
N GLU B 209 15.09 -34.14 -24.02
CA GLU B 209 14.52 -34.99 -22.98
C GLU B 209 15.56 -35.35 -21.94
N ASP B 210 16.81 -35.60 -22.31
CA ASP B 210 17.78 -35.96 -21.33
C ASP B 210 18.44 -34.82 -20.58
N ASP B 211 17.97 -33.59 -20.80
CA ASP B 211 18.48 -32.50 -20.03
C ASP B 211 17.96 -32.52 -18.56
N VAL B 212 18.74 -31.90 -17.69
CA VAL B 212 18.31 -31.48 -16.35
C VAL B 212 18.43 -29.96 -16.25
N CYS B 213 17.26 -29.26 -16.15
CA CYS B 213 17.23 -27.83 -16.20
C CYS B 213 17.27 -27.28 -14.77
N PHE B 214 18.04 -26.22 -14.57
CA PHE B 214 18.13 -25.53 -13.26
C PHE B 214 18.24 -24.02 -13.55
N SER B 215 17.21 -23.26 -13.14
CA SER B 215 17.19 -21.82 -13.31
C SER B 215 17.31 -21.14 -11.98
N ALA B 216 18.31 -20.26 -11.84
CA ALA B 216 18.44 -19.46 -10.63
C ALA B 216 17.32 -18.40 -10.67
N ALA B 217 16.78 -18.15 -11.87
CA ALA B 217 15.66 -17.24 -11.98
C ALA B 217 14.41 -18.04 -11.56
N LYS B 218 13.65 -17.52 -10.61
CA LYS B 218 12.50 -18.16 -10.08
C LYS B 218 11.37 -18.26 -11.12
N LEU B 219 10.44 -19.16 -10.82
CA LEU B 219 9.36 -19.47 -11.73
C LEU B 219 8.40 -18.28 -11.93
N PHE B 220 8.32 -17.36 -10.96
CA PHE B 220 7.49 -16.20 -11.21
C PHE B 220 8.05 -15.21 -12.24
N PHE B 221 9.33 -15.25 -12.49
CA PHE B 221 9.87 -14.44 -13.53
C PHE B 221 9.46 -15.05 -14.90
N ALA B 222 9.04 -14.23 -15.88
CA ALA B 222 8.79 -14.76 -17.19
C ALA B 222 9.98 -15.60 -17.67
N TYR B 223 11.20 -15.09 -17.49
CA TYR B 223 12.39 -15.87 -17.89
C TYR B 223 12.40 -17.29 -17.22
N GLY B 224 12.21 -17.39 -15.90
CA GLY B 224 12.27 -18.67 -15.17
C GLY B 224 11.08 -19.57 -15.45
N LEU B 225 9.93 -18.94 -15.72
CA LEU B 225 8.72 -19.73 -16.04
C LEU B 225 8.97 -20.54 -17.35
N GLY B 226 9.68 -19.94 -18.30
CA GLY B 226 10.09 -20.70 -19.46
C GLY B 226 11.15 -21.69 -19.10
N ASN B 227 12.21 -21.19 -18.51
CA ASN B 227 13.40 -22.01 -18.27
C ASN B 227 13.13 -23.33 -17.52
N ALA B 228 12.27 -23.28 -16.49
CA ALA B 228 12.17 -24.35 -15.50
C ALA B 228 10.77 -24.82 -15.43
N LEU B 229 9.94 -24.42 -16.39
CA LEU B 229 8.61 -25.05 -16.47
C LEU B 229 8.19 -25.35 -17.93
N THR B 230 7.94 -24.31 -18.71
CA THR B 230 7.33 -24.57 -20.01
C THR B 230 8.30 -25.25 -20.99
N PHE B 231 9.54 -24.76 -21.00
CA PHE B 231 10.58 -25.35 -21.83
C PHE B 231 10.86 -26.85 -21.47
N PRO B 232 11.26 -27.18 -20.22
CA PRO B 232 11.55 -28.58 -19.98
C PRO B 232 10.31 -29.50 -20.18
N MET B 233 9.10 -29.06 -19.86
CA MET B 233 7.97 -29.93 -20.00
CA MET B 233 7.90 -29.88 -20.00
C MET B 233 7.65 -30.13 -21.49
N THR B 234 8.03 -29.15 -22.31
CA THR B 234 7.80 -29.22 -23.76
C THR B 234 8.62 -30.36 -24.37
N VAL B 235 9.78 -30.63 -23.81
CA VAL B 235 10.72 -31.67 -24.39
C VAL B 235 10.90 -32.91 -23.53
N GLY B 236 10.25 -32.91 -22.35
CA GLY B 236 10.40 -33.98 -21.42
C GLY B 236 11.62 -33.96 -20.57
N ALA B 237 12.28 -32.80 -20.44
CA ALA B 237 13.45 -32.70 -19.59
C ALA B 237 13.03 -32.72 -18.08
N THR B 238 13.93 -33.12 -17.23
CA THR B 238 13.82 -33.05 -15.77
C THR B 238 14.30 -31.68 -15.27
N THR B 239 13.55 -31.11 -14.33
CA THR B 239 13.82 -29.80 -13.76
C THR B 239 14.12 -29.89 -12.27
N LEU B 240 15.22 -29.28 -11.86
CA LEU B 240 15.60 -29.10 -10.46
C LEU B 240 15.10 -27.70 -10.05
N LEU B 241 14.36 -27.67 -8.98
CA LEU B 241 13.91 -26.42 -8.33
C LEU B 241 14.53 -26.22 -6.97
N MET B 242 14.73 -24.97 -6.61
CA MET B 242 15.32 -24.61 -5.35
C MET B 242 14.52 -23.48 -4.70
N GLY B 243 14.07 -23.66 -3.47
CA GLY B 243 13.30 -22.59 -2.78
C GLY B 243 14.13 -21.37 -2.33
N GLU B 244 15.33 -21.64 -1.82
CA GLU B 244 16.13 -20.58 -1.27
C GLU B 244 16.66 -19.56 -2.27
N ARG B 245 17.06 -18.43 -1.71
CA ARG B 245 17.78 -17.41 -2.43
C ARG B 245 18.98 -17.92 -3.18
N PRO B 246 19.08 -17.66 -4.49
CA PRO B 246 20.33 -18.12 -5.18
C PRO B 246 21.58 -17.36 -4.71
N THR B 247 22.56 -18.10 -4.24
CA THR B 247 23.86 -17.59 -3.95
C THR B 247 24.83 -18.53 -4.62
N PRO B 248 26.10 -18.12 -4.73
CA PRO B 248 27.08 -19.05 -5.35
C PRO B 248 27.13 -20.41 -4.69
N ASP B 249 27.24 -20.48 -3.35
CA ASP B 249 27.19 -21.80 -2.69
C ASP B 249 25.96 -22.68 -2.99
N ALA B 250 24.77 -22.07 -2.99
CA ALA B 250 23.57 -22.80 -3.21
C ALA B 250 23.54 -23.35 -4.66
N VAL B 251 23.98 -22.50 -5.58
CA VAL B 251 24.02 -22.89 -7.01
C VAL B 251 25.07 -23.98 -7.22
N PHE B 252 26.25 -23.80 -6.69
CA PHE B 252 27.32 -24.83 -6.84
C PHE B 252 26.93 -26.20 -6.24
N LYS B 253 26.30 -26.21 -5.08
CA LYS B 253 25.85 -27.41 -4.47
C LYS B 253 24.94 -28.19 -5.44
N ARG B 254 24.04 -27.52 -6.13
CA ARG B 254 23.20 -28.20 -7.12
C ARG B 254 23.89 -28.57 -8.41
N TRP B 255 24.77 -27.71 -8.94
CA TRP B 255 25.61 -28.09 -10.10
C TRP B 255 26.39 -29.40 -9.84
N LEU B 256 26.91 -29.50 -8.60
CA LEU B 256 27.70 -30.69 -8.19
C LEU B 256 26.85 -31.92 -7.86
N GLY B 257 25.54 -31.85 -7.89
CA GLY B 257 24.70 -33.04 -7.73
C GLY B 257 24.29 -33.26 -6.28
N GLY B 258 24.36 -32.22 -5.47
CA GLY B 258 23.96 -32.28 -4.06
C GLY B 258 22.47 -32.44 -3.79
N VAL B 259 21.62 -32.24 -4.78
CA VAL B 259 20.16 -32.45 -4.64
C VAL B 259 19.57 -33.40 -5.67
N GLY B 260 18.74 -34.32 -5.18
CA GLY B 260 17.94 -35.19 -5.99
C GLY B 260 18.70 -36.23 -6.76
N GLY B 261 19.97 -36.37 -6.47
CA GLY B 261 20.82 -37.24 -7.29
C GLY B 261 20.96 -36.83 -8.76
N VAL B 262 20.81 -35.52 -9.07
CA VAL B 262 20.84 -35.01 -10.46
C VAL B 262 21.85 -33.91 -10.56
N LYS B 263 22.62 -33.91 -11.66
CA LYS B 263 23.52 -32.84 -11.95
C LYS B 263 22.87 -32.09 -13.11
N PRO B 264 22.61 -30.79 -12.92
CA PRO B 264 22.11 -30.00 -14.03
C PRO B 264 22.99 -30.06 -15.31
N THR B 265 22.30 -30.11 -16.47
CA THR B 265 22.96 -29.89 -17.74
C THR B 265 22.74 -28.52 -18.34
N VAL B 266 21.69 -27.83 -17.92
CA VAL B 266 21.38 -26.54 -18.44
C VAL B 266 21.15 -25.61 -17.27
N PHE B 267 21.92 -24.49 -17.23
CA PHE B 267 21.77 -23.48 -16.18
C PHE B 267 21.35 -22.17 -16.79
N TYR B 268 20.53 -21.44 -16.05
CA TYR B 268 20.03 -20.14 -16.47
C TYR B 268 20.13 -19.18 -15.32
N GLY B 269 20.56 -17.96 -15.58
CA GLY B 269 20.61 -16.99 -14.53
C GLY B 269 20.98 -15.61 -15.00
N ALA B 270 21.01 -14.64 -14.08
CA ALA B 270 21.36 -13.25 -14.43
C ALA B 270 22.89 -13.04 -14.47
N PRO B 271 23.37 -12.15 -15.35
CA PRO B 271 24.79 -11.75 -15.40
C PRO B 271 25.37 -11.47 -14.03
N THR B 272 24.58 -10.85 -13.14
CA THR B 272 25.04 -10.61 -11.78
C THR B 272 25.41 -11.88 -11.05
N GLY B 273 24.59 -12.93 -11.20
CA GLY B 273 24.85 -14.23 -10.56
C GLY B 273 26.11 -14.90 -11.17
N TYR B 274 26.27 -14.83 -12.49
CA TYR B 274 27.48 -15.40 -13.09
C TYR B 274 28.78 -14.65 -12.60
N ALA B 275 28.73 -13.31 -12.50
CA ALA B 275 29.86 -12.53 -11.94
C ALA B 275 30.23 -12.97 -10.53
N GLY B 276 29.21 -13.15 -9.69
CA GLY B 276 29.43 -13.52 -8.34
C GLY B 276 30.02 -14.90 -8.24
N MET B 277 29.50 -15.81 -9.08
CA MET B 277 30.07 -17.17 -9.12
C MET B 277 31.54 -17.17 -9.57
N LEU B 278 31.84 -16.46 -10.62
CA LEU B 278 33.22 -16.44 -11.17
C LEU B 278 34.21 -15.88 -10.16
N ALA B 279 33.75 -14.94 -9.31
CA ALA B 279 34.61 -14.41 -8.23
C ALA B 279 34.75 -15.32 -7.01
N ALA B 280 33.95 -16.38 -6.93
CA ALA B 280 33.89 -17.20 -5.74
C ALA B 280 35.13 -18.08 -5.64
N PRO B 281 35.77 -18.08 -4.46
CA PRO B 281 36.94 -18.98 -4.28
C PRO B 281 36.70 -20.46 -4.44
N ASN B 282 35.49 -20.95 -4.13
CA ASN B 282 35.09 -22.29 -4.34
C ASN B 282 34.33 -22.62 -5.71
N LEU B 283 34.49 -21.74 -6.69
CA LEU B 283 34.02 -22.01 -8.06
C LEU B 283 34.43 -23.44 -8.45
N PRO B 284 33.47 -24.31 -8.80
CA PRO B 284 33.83 -25.66 -9.25
C PRO B 284 34.72 -25.68 -10.49
N SER B 285 35.54 -26.73 -10.59
CA SER B 285 36.27 -26.96 -11.84
C SER B 285 35.42 -27.62 -12.89
N ARG B 286 35.90 -27.56 -14.14
CA ARG B 286 35.17 -28.09 -15.33
C ARG B 286 34.75 -29.50 -15.12
N ASP B 287 35.66 -30.30 -14.54
CA ASP B 287 35.41 -31.73 -14.42
C ASP B 287 34.44 -32.14 -13.34
N GLN B 288 34.00 -31.18 -12.52
CA GLN B 288 33.02 -31.42 -11.48
C GLN B 288 31.52 -31.21 -11.85
N VAL B 289 31.29 -30.56 -13.00
CA VAL B 289 29.91 -30.20 -13.43
C VAL B 289 29.55 -30.89 -14.74
N ALA B 290 28.25 -31.02 -14.98
CA ALA B 290 27.71 -31.68 -16.17
C ALA B 290 27.12 -30.64 -17.11
N LEU B 291 27.40 -29.35 -16.87
CA LEU B 291 26.75 -28.28 -17.64
C LEU B 291 27.09 -28.38 -19.14
N ARG B 292 26.09 -28.31 -20.03
CA ARG B 292 26.37 -28.23 -21.44
C ARG B 292 25.93 -26.91 -22.04
N LEU B 293 25.11 -26.16 -21.27
CA LEU B 293 24.50 -24.94 -21.78
C LEU B 293 24.28 -23.99 -20.63
N ALA B 294 24.72 -22.75 -20.82
CA ALA B 294 24.58 -21.68 -19.81
C ALA B 294 23.83 -20.52 -20.49
N SER B 295 22.63 -20.19 -20.00
CA SER B 295 21.81 -19.07 -20.54
C SER B 295 21.82 -17.91 -19.57
N SER B 296 21.73 -16.70 -20.10
CA SER B 296 21.61 -15.54 -19.26
CA SER B 296 21.68 -15.50 -19.32
C SER B 296 20.60 -14.57 -19.84
N ALA B 297 19.87 -13.92 -18.94
CA ALA B 297 18.97 -12.79 -19.25
C ALA B 297 18.78 -11.91 -18.01
N GLY B 298 18.09 -10.79 -18.16
CA GLY B 298 17.70 -9.99 -16.97
C GLY B 298 18.47 -8.65 -16.99
N GLU B 299 19.66 -8.66 -17.60
CA GLU B 299 20.47 -7.46 -17.78
C GLU B 299 21.51 -7.81 -18.87
N ALA B 300 22.18 -6.81 -19.43
CA ALA B 300 23.13 -7.03 -20.56
C ALA B 300 24.33 -7.75 -19.95
N LEU B 301 24.79 -8.83 -20.60
CA LEU B 301 25.98 -9.55 -20.16
C LEU B 301 27.27 -8.80 -20.52
N PRO B 302 28.05 -8.28 -19.55
CA PRO B 302 29.36 -7.74 -19.90
C PRO B 302 30.22 -8.81 -20.61
N ALA B 303 30.81 -8.43 -21.73
CA ALA B 303 31.73 -9.34 -22.46
C ALA B 303 32.73 -10.10 -21.57
N GLU B 304 33.37 -9.40 -20.63
CA GLU B 304 34.33 -10.03 -19.77
C GLU B 304 33.79 -11.19 -18.94
N ILE B 305 32.51 -11.08 -18.54
CA ILE B 305 31.91 -12.15 -17.75
C ILE B 305 31.78 -13.39 -18.63
N GLY B 306 31.27 -13.25 -19.85
CA GLY B 306 31.15 -14.43 -20.72
C GLY B 306 32.49 -15.04 -21.06
N GLN B 307 33.45 -14.19 -21.40
CA GLN B 307 34.80 -14.64 -21.78
C GLN B 307 35.45 -15.38 -20.63
N ARG B 308 35.27 -14.90 -19.39
CA ARG B 308 35.83 -15.56 -18.23
C ARG B 308 35.18 -16.89 -17.97
N PHE B 309 33.85 -16.97 -18.13
CA PHE B 309 33.13 -18.25 -17.97
C PHE B 309 33.61 -19.26 -18.99
N GLN B 310 33.79 -18.82 -20.24
CA GLN B 310 34.27 -19.65 -21.31
C GLN B 310 35.69 -20.19 -21.05
N ARG B 311 36.57 -19.32 -20.60
CA ARG B 311 37.96 -19.72 -20.23
C ARG B 311 37.92 -20.78 -19.16
N HIS B 312 37.04 -20.60 -18.18
CA HIS B 312 37.03 -21.48 -17.05
C HIS B 312 36.33 -22.80 -17.37
N PHE B 313 35.12 -22.75 -17.93
CA PHE B 313 34.33 -23.96 -18.13
C PHE B 313 34.38 -24.56 -19.53
N GLY B 314 34.88 -23.81 -20.49
CA GLY B 314 34.73 -24.19 -21.85
C GLY B 314 33.34 -24.11 -22.39
N LEU B 315 32.50 -23.27 -21.77
CA LEU B 315 31.13 -23.01 -22.20
C LEU B 315 30.96 -21.50 -22.33
N ASP B 316 30.28 -21.07 -23.39
CA ASP B 316 29.82 -19.72 -23.50
C ASP B 316 28.57 -19.49 -22.66
N ILE B 317 28.35 -18.22 -22.32
CA ILE B 317 27.09 -17.83 -21.73
C ILE B 317 26.30 -17.25 -22.92
N VAL B 318 25.09 -17.81 -23.12
CA VAL B 318 24.19 -17.40 -24.18
C VAL B 318 23.22 -16.34 -23.67
N ASP B 319 23.53 -15.07 -23.97
CA ASP B 319 22.76 -13.86 -23.53
C ASP B 319 21.64 -13.62 -24.54
N GLY B 320 20.39 -13.60 -24.07
CA GLY B 320 19.28 -13.11 -24.84
C GLY B 320 18.41 -12.14 -24.05
N ILE B 321 17.63 -11.37 -24.77
CA ILE B 321 16.65 -10.46 -24.14
C ILE B 321 15.24 -10.83 -24.48
N GLY B 322 14.38 -10.76 -23.47
CA GLY B 322 12.95 -10.97 -23.59
C GLY B 322 12.25 -9.79 -22.90
N SER B 323 10.95 -9.92 -22.69
CA SER B 323 10.26 -8.98 -21.75
C SER B 323 9.09 -9.74 -21.18
N THR B 324 8.52 -9.20 -20.09
CA THR B 324 7.32 -9.79 -19.58
C THR B 324 6.18 -9.85 -20.65
N GLU B 325 6.03 -8.75 -21.35
CA GLU B 325 4.97 -8.63 -22.34
C GLU B 325 5.18 -9.61 -23.50
N MET B 326 6.42 -9.96 -23.86
CA MET B 326 6.67 -10.96 -24.95
C MET B 326 6.84 -12.39 -24.48
N LEU B 327 6.78 -12.53 -23.17
CA LEU B 327 6.80 -13.81 -22.41
C LEU B 327 8.17 -14.48 -22.28
N HIS B 328 8.95 -14.46 -23.34
CA HIS B 328 10.31 -14.98 -23.29
C HIS B 328 11.20 -14.28 -24.35
N ILE B 329 12.33 -14.87 -24.63
CA ILE B 329 13.42 -14.24 -25.37
C ILE B 329 13.11 -14.14 -26.85
N PHE B 330 13.38 -12.97 -27.42
CA PHE B 330 13.08 -12.78 -28.86
C PHE B 330 14.29 -12.30 -29.68
N LEU B 331 15.37 -12.00 -28.98
CA LEU B 331 16.66 -11.54 -29.52
C LEU B 331 17.75 -12.19 -28.72
N SER B 332 18.61 -12.98 -29.36
CA SER B 332 19.47 -13.89 -28.62
C SER B 332 20.69 -14.31 -29.42
N ASN B 333 21.78 -14.42 -28.66
CA ASN B 333 22.89 -15.25 -29.08
C ASN B 333 22.44 -16.71 -29.18
N LEU B 334 23.24 -17.50 -29.92
CA LEU B 334 22.98 -18.89 -30.08
C LEU B 334 24.00 -19.73 -29.35
N PRO B 335 23.62 -20.95 -28.99
CA PRO B 335 24.53 -21.85 -28.30
C PRO B 335 25.84 -22.02 -29.03
N ASP B 336 25.76 -22.09 -30.37
CA ASP B 336 27.00 -22.24 -31.15
C ASP B 336 27.46 -20.96 -31.87
N ARG B 337 26.84 -19.83 -31.53
CA ARG B 337 27.23 -18.54 -32.11
C ARG B 337 26.92 -17.44 -31.15
N VAL B 338 27.94 -17.08 -30.40
CA VAL B 338 27.86 -16.04 -29.43
C VAL B 338 28.78 -14.87 -29.85
N ARG B 339 28.25 -13.67 -29.81
CA ARG B 339 29.05 -12.46 -29.91
C ARG B 339 28.95 -11.58 -28.68
N TYR B 340 29.96 -11.69 -27.83
CA TYR B 340 29.97 -10.96 -26.60
C TYR B 340 29.98 -9.45 -26.94
N GLY B 341 29.33 -8.67 -26.11
CA GLY B 341 29.07 -7.24 -26.37
C GLY B 341 27.80 -7.04 -27.19
N THR B 342 27.10 -8.13 -27.50
CA THR B 342 25.84 -8.00 -28.23
C THR B 342 24.85 -8.97 -27.62
N THR B 343 23.56 -8.79 -27.93
CA THR B 343 22.53 -9.71 -27.54
C THR B 343 22.18 -10.55 -28.76
N GLY B 344 23.08 -10.64 -29.73
CA GLY B 344 22.81 -11.55 -30.80
C GLY B 344 21.79 -11.10 -31.85
N TRP B 345 21.01 -12.05 -32.36
CA TRP B 345 20.15 -11.93 -33.57
C TRP B 345 18.71 -12.22 -33.25
N PRO B 346 17.79 -11.72 -34.06
CA PRO B 346 16.41 -12.08 -33.81
C PRO B 346 16.16 -13.53 -33.77
N VAL B 347 15.26 -13.96 -32.89
CA VAL B 347 14.91 -15.38 -32.80
C VAL B 347 13.91 -15.62 -33.96
N PRO B 348 14.16 -16.66 -34.78
CA PRO B 348 13.23 -17.01 -35.86
C PRO B 348 11.78 -17.16 -35.35
N GLY B 349 10.83 -16.47 -36.00
CA GLY B 349 9.46 -16.35 -35.50
C GLY B 349 9.11 -14.99 -34.96
N TYR B 350 10.14 -14.19 -34.63
CA TYR B 350 9.95 -12.82 -34.17
C TYR B 350 10.57 -11.84 -35.12
N GLN B 351 9.89 -10.72 -35.38
CA GLN B 351 10.50 -9.61 -36.08
C GLN B 351 10.80 -8.48 -35.14
N ILE B 352 11.91 -7.84 -35.39
CA ILE B 352 12.46 -6.77 -34.58
C ILE B 352 12.50 -5.47 -35.42
N GLU B 353 12.10 -4.33 -34.88
CA GLU B 353 12.29 -3.02 -35.51
C GLU B 353 12.90 -2.04 -34.53
N LEU B 354 13.80 -1.17 -35.00
CA LEU B 354 14.26 -0.06 -34.23
C LEU B 354 13.56 1.23 -34.76
N ARG B 355 13.03 2.05 -33.87
CA ARG B 355 12.34 3.31 -34.25
C ARG B 355 12.96 4.54 -33.60
N GLY B 356 13.12 5.61 -34.40
CA GLY B 356 13.77 6.85 -33.93
C GLY B 356 12.71 7.78 -33.37
N ASP B 357 13.11 9.03 -33.02
CA ASP B 357 12.19 10.01 -32.37
C ASP B 357 10.83 10.23 -33.09
N GLY B 358 10.77 10.13 -34.42
CA GLY B 358 9.53 10.26 -35.13
C GLY B 358 8.75 9.00 -35.44
N GLY B 359 9.26 7.85 -35.01
CA GLY B 359 8.67 6.57 -35.39
C GLY B 359 9.27 5.98 -36.64
N GLY B 360 10.18 6.71 -37.27
CA GLY B 360 10.85 6.20 -38.46
C GLY B 360 12.13 5.38 -38.15
N PRO B 361 12.76 4.84 -39.21
CA PRO B 361 13.82 3.88 -39.08
C PRO B 361 15.03 4.63 -38.69
N VAL B 362 16.03 3.90 -38.18
CA VAL B 362 17.32 4.45 -37.74
C VAL B 362 18.43 3.78 -38.55
N ALA B 363 19.51 4.51 -38.79
CA ALA B 363 20.68 3.96 -39.47
C ALA B 363 21.35 2.89 -38.62
N ASP B 364 21.95 1.91 -39.25
CA ASP B 364 22.78 0.92 -38.56
C ASP B 364 23.90 1.61 -37.83
N GLY B 365 24.16 1.23 -36.57
CA GLY B 365 25.07 1.94 -35.70
C GLY B 365 24.45 3.02 -34.85
N GLU B 366 23.23 3.46 -35.15
CA GLU B 366 22.50 4.42 -34.32
C GLU B 366 21.39 3.80 -33.48
N PRO B 367 21.19 4.33 -32.31
CA PRO B 367 20.22 3.73 -31.38
C PRO B 367 18.80 4.07 -31.78
N GLY B 368 17.92 3.10 -31.64
CA GLY B 368 16.52 3.32 -31.73
C GLY B 368 15.72 2.48 -30.73
N ASP B 369 14.46 2.84 -30.57
CA ASP B 369 13.54 2.19 -29.64
C ASP B 369 13.15 0.83 -30.18
N LEU B 370 13.30 -0.24 -29.37
CA LEU B 370 13.06 -1.59 -29.84
C LEU B 370 11.55 -1.99 -29.77
N TYR B 371 11.02 -2.47 -30.88
CA TYR B 371 9.64 -3.00 -31.01
C TYR B 371 9.72 -4.40 -31.54
N ILE B 372 8.80 -5.25 -31.08
CA ILE B 372 8.79 -6.65 -31.42
C ILE B 372 7.46 -7.11 -31.94
N HIS B 373 7.51 -7.88 -33.04
CA HIS B 373 6.31 -8.52 -33.62
C HIS B 373 6.55 -10.02 -33.57
N GLY B 374 5.79 -10.70 -32.70
CA GLY B 374 5.83 -12.11 -32.66
C GLY B 374 4.66 -12.73 -32.00
N PRO B 375 4.55 -14.07 -32.02
CA PRO B 375 3.32 -14.74 -31.67
C PRO B 375 3.04 -14.91 -30.18
N SER B 376 3.99 -14.55 -29.32
CA SER B 376 3.88 -14.75 -27.85
C SER B 376 3.46 -13.47 -27.08
N SER B 377 3.15 -12.39 -27.79
CA SER B 377 2.74 -11.15 -27.18
C SER B 377 1.52 -11.29 -26.30
N ALA B 378 1.59 -10.64 -25.14
CA ALA B 378 0.43 -10.46 -24.28
C ALA B 378 -0.60 -9.65 -25.01
N THR B 379 -1.85 -9.72 -24.51
CA THR B 379 -2.94 -9.02 -25.16
C THR B 379 -3.14 -7.58 -24.65
N MET B 380 -2.78 -7.30 -23.42
CA MET B 380 -3.13 -6.00 -22.81
C MET B 380 -2.58 -6.04 -21.41
N TYR B 381 -2.61 -4.88 -20.76
CA TYR B 381 -2.48 -4.70 -19.34
C TYR B 381 -3.94 -4.61 -18.76
N TRP B 382 -4.33 -5.53 -17.89
CA TRP B 382 -5.71 -5.66 -17.49
C TRP B 382 -6.06 -4.41 -16.79
N GLY B 383 -7.17 -3.80 -17.23
CA GLY B 383 -7.68 -2.59 -16.59
C GLY B 383 -6.88 -1.31 -16.80
N ASN B 384 -5.93 -1.30 -17.71
CA ASN B 384 -5.19 -0.08 -18.00
C ASN B 384 -5.16 0.15 -19.49
N ARG B 385 -6.18 0.85 -19.97
CA ARG B 385 -6.32 1.13 -21.38
C ARG B 385 -5.24 2.02 -21.97
N ALA B 386 -4.85 3.05 -21.21
CA ALA B 386 -3.90 4.05 -21.71
C ALA B 386 -2.51 3.43 -21.91
N LYS B 387 -2.04 2.72 -20.88
CA LYS B 387 -0.75 2.04 -20.99
C LYS B 387 -0.78 0.89 -21.95
N SER B 388 -1.90 0.22 -22.07
CA SER B 388 -2.04 -0.84 -23.08
C SER B 388 -1.85 -0.33 -24.49
N ARG B 389 -2.45 0.84 -24.77
CA ARG B 389 -2.22 1.50 -26.05
C ARG B 389 -0.83 1.96 -26.33
N ASP B 390 -0.07 2.37 -25.32
CA ASP B 390 1.30 2.81 -25.51
C ASP B 390 2.24 1.66 -25.78
N THR B 391 1.94 0.50 -25.20
CA THR B 391 2.79 -0.67 -25.34
C THR B 391 2.44 -1.56 -26.51
N PHE B 392 1.16 -1.85 -26.69
CA PHE B 392 0.68 -2.80 -27.69
C PHE B 392 0.11 -1.99 -28.86
N GLN B 393 1.01 -1.62 -29.77
CA GLN B 393 0.80 -0.64 -30.87
C GLN B 393 0.45 -1.51 -32.10
N GLY B 394 -0.77 -1.95 -32.16
CA GLY B 394 -1.22 -2.83 -33.24
C GLY B 394 -0.24 -3.78 -33.92
N GLY B 395 -0.04 -4.95 -33.32
CA GLY B 395 0.89 -5.95 -33.85
C GLY B 395 2.34 -5.82 -33.36
N TRP B 396 2.75 -4.62 -32.98
CA TRP B 396 4.05 -4.34 -32.47
C TRP B 396 3.97 -4.07 -30.95
N THR B 397 4.91 -4.68 -30.21
CA THR B 397 5.00 -4.49 -28.78
C THR B 397 6.24 -3.71 -28.50
N LYS B 398 6.09 -2.63 -27.78
CA LYS B 398 7.20 -1.74 -27.41
C LYS B 398 7.95 -2.32 -26.21
N SER B 399 9.27 -2.43 -26.21
CA SER B 399 9.95 -3.09 -25.06
C SER B 399 10.43 -2.20 -23.94
N GLY B 400 10.64 -0.96 -24.22
CA GLY B 400 11.31 -0.13 -23.19
C GLY B 400 12.82 -0.02 -23.35
N ASP B 401 13.38 -0.79 -24.29
CA ASP B 401 14.80 -0.81 -24.50
C ASP B 401 15.17 0.01 -25.76
N LYS B 402 16.39 0.51 -25.81
CA LYS B 402 16.95 1.01 -27.01
C LYS B 402 18.07 0.11 -27.42
N TYR B 403 18.25 -0.09 -28.75
CA TYR B 403 19.25 -0.97 -29.29
C TYR B 403 19.89 -0.34 -30.59
N VAL B 404 21.10 -0.81 -30.91
CA VAL B 404 21.84 -0.51 -32.17
C VAL B 404 21.97 -1.83 -32.95
N ARG B 405 21.64 -1.80 -34.23
CA ARG B 405 21.93 -2.93 -35.10
C ARG B 405 23.32 -2.76 -35.71
N ASN B 406 24.14 -3.80 -35.55
CA ASN B 406 25.49 -3.88 -36.08
C ASN B 406 25.52 -4.44 -37.50
N ASP B 407 26.70 -4.34 -38.08
CA ASP B 407 26.92 -4.75 -39.47
C ASP B 407 26.65 -6.21 -39.74
N ASP B 408 26.89 -7.11 -38.77
CA ASP B 408 26.57 -8.54 -38.98
C ASP B 408 25.13 -8.93 -38.62
N GLY B 409 24.25 -7.96 -38.45
CA GLY B 409 22.86 -8.22 -38.11
C GLY B 409 22.61 -8.45 -36.61
N SER B 410 23.66 -8.44 -35.78
CA SER B 410 23.54 -8.52 -34.30
C SER B 410 23.07 -7.15 -33.76
N TYR B 411 22.58 -7.18 -32.53
CA TYR B 411 22.01 -6.00 -31.83
C TYR B 411 22.70 -5.82 -30.51
N THR B 412 23.11 -4.59 -30.27
CA THR B 412 23.75 -4.13 -29.02
C THR B 412 22.88 -3.16 -28.24
N TYR B 413 22.74 -3.46 -26.95
CA TYR B 413 21.93 -2.74 -26.05
C TYR B 413 22.44 -1.30 -25.91
N ALA B 414 21.50 -0.38 -25.95
CA ALA B 414 21.84 1.06 -25.90
C ALA B 414 21.07 1.85 -24.84
N GLY B 415 20.46 1.19 -23.85
CA GLY B 415 19.80 1.91 -22.72
C GLY B 415 18.26 1.71 -22.71
N ARG B 416 17.55 2.42 -21.83
CA ARG B 416 16.13 2.24 -21.66
C ARG B 416 15.41 3.52 -22.10
N THR B 417 14.17 3.39 -22.48
CA THR B 417 13.32 4.52 -22.84
C THR B 417 12.45 4.98 -21.69
N ASP B 418 12.45 4.23 -20.59
CA ASP B 418 11.48 4.49 -19.49
C ASP B 418 12.05 4.64 -18.11
N ASP B 419 13.30 5.10 -17.99
CA ASP B 419 13.93 5.33 -16.70
C ASP B 419 14.15 4.12 -15.75
N MET B 420 13.72 2.95 -16.15
CA MET B 420 13.85 1.79 -15.25
C MET B 420 15.31 1.38 -15.12
N LEU B 421 15.65 0.79 -13.98
CA LEU B 421 16.91 0.06 -13.82
C LEU B 421 16.68 -1.41 -13.85
N LYS B 422 17.64 -2.16 -14.41
CA LYS B 422 17.69 -3.64 -14.28
C LYS B 422 18.84 -3.95 -13.34
N VAL B 423 18.45 -4.26 -12.12
CA VAL B 423 19.33 -4.45 -10.99
C VAL B 423 19.38 -5.93 -10.56
N SER B 424 20.56 -6.55 -10.75
CA SER B 424 20.72 -7.99 -10.48
C SER B 424 19.74 -8.81 -11.28
N GLY B 425 19.36 -8.27 -12.43
CA GLY B 425 18.41 -8.87 -13.28
C GLY B 425 16.97 -8.55 -13.11
N ILE B 426 16.63 -7.72 -12.10
CA ILE B 426 15.25 -7.35 -11.73
C ILE B 426 14.94 -5.86 -12.08
N TYR B 427 13.79 -5.62 -12.70
CA TYR B 427 13.38 -4.25 -13.20
C TYR B 427 12.99 -3.48 -11.95
N VAL B 428 13.61 -2.28 -11.69
CA VAL B 428 13.40 -1.51 -10.50
C VAL B 428 13.28 -0.04 -10.89
N SER B 429 12.32 0.64 -10.30
CA SER B 429 12.16 2.05 -10.49
C SER B 429 13.07 2.84 -9.57
N PRO B 430 13.87 3.74 -10.14
CA PRO B 430 14.67 4.63 -9.26
C PRO B 430 13.83 5.66 -8.51
N PHE B 431 12.71 6.03 -9.11
CA PHE B 431 11.77 6.97 -8.52
C PHE B 431 11.12 6.33 -7.30
N GLU B 432 10.86 5.03 -7.31
CA GLU B 432 10.35 4.37 -6.09
C GLU B 432 11.38 4.40 -4.94
N ILE B 433 12.65 4.21 -5.27
CA ILE B 433 13.69 4.26 -4.25
C ILE B 433 13.85 5.64 -3.67
N GLU B 434 13.88 6.70 -4.51
CA GLU B 434 14.02 8.06 -4.08
C GLU B 434 12.90 8.50 -3.15
N ALA B 435 11.69 8.24 -3.63
CA ALA B 435 10.47 8.74 -2.92
C ALA B 435 10.42 8.12 -1.53
N THR B 436 10.91 6.91 -1.41
CA THR B 436 11.10 6.26 -0.13
C THR B 436 12.19 6.82 0.76
N LEU B 437 13.43 6.90 0.30
CA LEU B 437 14.47 7.72 0.95
C LEU B 437 14.10 9.09 1.49
N VAL B 438 13.37 9.91 0.69
CA VAL B 438 13.02 11.24 1.17
C VAL B 438 12.09 11.22 2.42
N GLN B 439 11.54 10.07 2.80
CA GLN B 439 10.67 10.03 3.97
C GLN B 439 11.55 9.95 5.21
N HIS B 440 12.83 9.63 5.03
CA HIS B 440 13.76 9.64 6.16
C HIS B 440 13.87 11.04 6.73
N PRO B 441 13.55 11.23 8.04
CA PRO B 441 13.48 12.57 8.62
C PRO B 441 14.79 13.40 8.49
N GLY B 442 15.91 12.71 8.36
CA GLY B 442 17.17 13.40 8.18
C GLY B 442 17.53 13.82 6.77
N VAL B 443 16.74 13.35 5.80
CA VAL B 443 17.00 13.63 4.36
C VAL B 443 16.26 14.89 3.87
N LEU B 444 16.94 15.81 3.17
CA LEU B 444 16.30 16.94 2.53
C LEU B 444 15.85 16.63 1.09
N GLU B 445 16.71 15.98 0.32
CA GLU B 445 16.39 15.62 -1.05
C GLU B 445 17.24 14.42 -1.39
N ALA B 446 16.83 13.72 -2.42
CA ALA B 446 17.55 12.51 -2.84
C ALA B 446 17.27 12.24 -4.29
N ALA B 447 18.26 11.72 -5.00
CA ALA B 447 18.05 11.26 -6.36
C ALA B 447 18.79 9.95 -6.46
N VAL B 448 18.18 8.99 -7.14
CA VAL B 448 18.74 7.66 -7.39
C VAL B 448 18.89 7.44 -8.89
N VAL B 449 20.08 6.99 -9.28
CA VAL B 449 20.44 6.73 -10.64
C VAL B 449 21.11 5.37 -10.72
N GLY B 450 21.16 4.83 -11.92
CA GLY B 450 21.81 3.56 -12.22
C GLY B 450 23.28 3.78 -12.55
N VAL B 451 24.19 3.13 -11.81
CA VAL B 451 25.65 3.21 -12.04
C VAL B 451 26.28 1.79 -12.03
N ALA B 452 27.23 1.61 -12.93
CA ALA B 452 28.00 0.34 -13.01
C ALA B 452 28.82 -0.01 -11.79
N ASP B 453 28.76 -1.28 -11.36
CA ASP B 453 29.57 -1.77 -10.22
C ASP B 453 30.94 -2.24 -10.71
N GLU B 454 31.72 -2.91 -9.82
CA GLU B 454 33.10 -3.42 -10.12
C GLU B 454 33.12 -4.44 -11.28
N HIS B 455 31.97 -5.05 -11.58
CA HIS B 455 31.79 -6.02 -12.64
C HIS B 455 31.13 -5.46 -13.93
N GLY B 456 30.78 -4.17 -13.97
CA GLY B 456 30.07 -3.55 -15.16
C GLY B 456 28.51 -3.59 -15.14
N LEU B 457 27.93 -3.98 -14.01
CA LEU B 457 26.53 -4.26 -13.93
C LEU B 457 25.90 -3.08 -13.18
N THR B 458 24.75 -2.66 -13.62
CA THR B 458 24.05 -1.47 -12.97
C THR B 458 23.48 -1.74 -11.62
N LYS B 459 23.77 -0.84 -10.64
CA LYS B 459 23.18 -0.86 -9.32
C LYS B 459 22.67 0.50 -9.02
N PRO B 460 21.64 0.57 -8.17
CA PRO B 460 21.19 1.87 -7.78
C PRO B 460 22.22 2.58 -6.92
N LYS B 461 22.38 3.88 -7.19
CA LYS B 461 23.27 4.72 -6.41
C LYS B 461 22.52 5.98 -6.00
N ALA B 462 22.55 6.30 -4.72
CA ALA B 462 21.76 7.41 -4.24
C ALA B 462 22.65 8.62 -3.94
N TYR B 463 22.19 9.80 -4.33
CA TYR B 463 22.82 11.07 -4.02
C TYR B 463 21.84 11.81 -3.08
N VAL B 464 22.29 12.00 -1.83
CA VAL B 464 21.42 12.50 -0.74
C VAL B 464 21.99 13.82 -0.16
N VAL B 465 21.12 14.82 -0.13
CA VAL B 465 21.33 16.09 0.62
C VAL B 465 20.79 15.92 2.00
N PRO B 466 21.68 15.90 3.03
CA PRO B 466 21.09 15.84 4.37
C PRO B 466 20.45 17.16 4.78
N ARG B 467 19.53 17.08 5.72
CA ARG B 467 19.00 18.31 6.35
C ARG B 467 20.12 18.88 7.22
N PRO B 468 20.33 20.22 7.14
CA PRO B 468 21.32 20.95 7.97
C PRO B 468 21.24 20.53 9.42
N GLY B 469 20.01 20.52 9.96
CA GLY B 469 19.72 20.18 11.37
C GLY B 469 19.32 18.74 11.63
N GLN B 470 20.19 17.82 11.20
CA GLN B 470 20.08 16.37 11.40
C GLN B 470 20.97 15.73 10.34
N THR B 471 22.29 15.68 10.57
CA THR B 471 23.18 14.95 9.65
C THR B 471 24.30 14.21 10.37
N LEU B 472 24.16 12.95 10.81
CA LEU B 472 23.32 11.86 10.27
C LEU B 472 23.84 11.37 8.91
N SER B 473 23.70 10.06 8.69
CA SER B 473 24.46 9.28 7.70
C SER B 473 24.18 7.77 7.82
N GLU B 474 24.96 6.96 7.10
CA GLU B 474 24.47 5.81 6.28
C GLU B 474 24.38 4.43 7.00
N THR B 475 24.42 3.32 6.20
CA THR B 475 23.91 1.99 6.60
C THR B 475 22.42 2.10 7.01
N GLU B 476 22.16 3.07 7.89
CA GLU B 476 20.82 3.49 8.32
C GLU B 476 19.85 3.57 7.15
N LEU B 477 20.33 4.17 6.06
CA LEU B 477 19.50 4.37 4.90
C LEU B 477 19.20 3.08 4.10
N LYS B 478 20.18 2.21 3.91
CA LYS B 478 19.95 0.92 3.30
C LYS B 478 18.85 0.16 4.06
N THR B 479 18.93 0.13 5.40
CA THR B 479 17.95 -0.67 6.15
C THR B 479 16.59 0.03 6.08
N PHE B 480 16.61 1.36 6.10
CA PHE B 480 15.39 2.14 6.13
C PHE B 480 14.59 1.77 4.84
N ILE B 481 15.30 1.57 3.72
CA ILE B 481 14.55 1.20 2.51
C ILE B 481 14.24 -0.30 2.49
N LYS B 482 15.10 -1.14 3.06
CA LYS B 482 14.83 -2.56 3.08
C LYS B 482 13.65 -2.85 4.00
N ASP B 483 13.35 -1.96 4.91
CA ASP B 483 12.20 -2.11 5.77
C ASP B 483 10.90 -1.62 5.14
N ARG B 484 11.01 -0.99 3.98
CA ARG B 484 9.83 -0.36 3.43
C ARG B 484 9.46 -0.91 2.06
N LEU B 485 10.48 -1.30 1.30
CA LEU B 485 10.29 -1.81 -0.04
C LEU B 485 10.72 -3.32 -0.10
N ALA B 486 10.49 -3.99 -1.24
CA ALA B 486 11.10 -5.30 -1.49
C ALA B 486 12.64 -5.13 -1.26
N PRO B 487 13.29 -6.11 -0.64
CA PRO B 487 14.64 -5.81 -0.10
C PRO B 487 15.80 -5.63 -1.09
N TYR B 488 15.66 -6.04 -2.34
CA TYR B 488 16.76 -5.85 -3.36
C TYR B 488 16.70 -4.44 -4.00
N LYS B 489 15.79 -3.61 -3.54
CA LYS B 489 15.72 -2.29 -4.12
C LYS B 489 16.84 -1.33 -3.51
N TYR B 490 17.98 -1.91 -3.05
CA TYR B 490 19.30 -1.20 -2.70
C TYR B 490 19.00 -0.03 -1.94
N PRO B 491 19.71 1.12 -2.18
CA PRO B 491 20.88 1.59 -2.97
C PRO B 491 22.19 0.96 -2.53
N ARG B 492 23.02 0.58 -3.49
CA ARG B 492 24.25 -0.10 -3.24
C ARG B 492 25.37 0.83 -2.72
N SER B 493 25.24 2.13 -2.94
CA SER B 493 26.01 3.11 -2.17
C SER B 493 25.24 4.41 -2.13
N THR B 494 25.59 5.26 -1.18
CA THR B 494 24.98 6.57 -1.09
C THR B 494 26.09 7.57 -0.98
N VAL B 495 26.00 8.61 -1.79
CA VAL B 495 26.86 9.78 -1.70
C VAL B 495 26.13 10.95 -1.06
N PHE B 496 26.68 11.47 0.05
CA PHE B 496 26.12 12.68 0.67
C PHE B 496 26.69 13.97 0.06
N VAL B 497 25.82 14.77 -0.55
CA VAL B 497 26.15 16.03 -1.22
C VAL B 497 25.42 17.23 -0.58
N ALA B 498 25.97 18.41 -0.85
CA ALA B 498 25.43 19.61 -0.27
C ALA B 498 24.24 20.05 -1.11
N GLU B 499 24.27 19.82 -2.43
CA GLU B 499 23.15 20.07 -3.34
C GLU B 499 23.21 19.18 -4.56
N LEU B 500 22.06 19.06 -5.21
CA LEU B 500 21.91 18.26 -6.41
C LEU B 500 21.93 19.18 -7.59
N PRO B 501 22.60 18.77 -8.65
CA PRO B 501 22.57 19.61 -9.89
C PRO B 501 21.16 19.64 -10.48
N LYS B 502 20.67 20.84 -10.82
CA LYS B 502 19.32 21.05 -11.34
C LYS B 502 19.31 22.00 -12.50
N THR B 503 18.31 21.85 -13.38
CA THR B 503 18.04 22.80 -14.43
C THR B 503 17.43 24.07 -13.79
N ALA B 504 17.19 25.09 -14.59
CA ALA B 504 16.57 26.31 -14.03
C ALA B 504 15.13 26.02 -13.58
N THR B 505 14.47 25.00 -14.14
CA THR B 505 13.10 24.65 -13.68
C THR B 505 13.06 23.89 -12.34
N GLY B 506 14.24 23.60 -11.81
CA GLY B 506 14.35 22.77 -10.64
C GLY B 506 14.32 21.27 -10.93
N LYS B 507 14.47 20.85 -12.18
CA LYS B 507 14.54 19.38 -12.56
C LYS B 507 15.93 18.83 -12.22
N ILE B 508 16.00 17.66 -11.60
CA ILE B 508 17.31 17.07 -11.34
C ILE B 508 17.97 16.66 -12.63
N GLN B 509 19.22 17.05 -12.77
CA GLN B 509 20.05 16.60 -13.91
C GLN B 509 20.67 15.23 -13.58
N ARG B 510 19.83 14.23 -13.73
CA ARG B 510 20.23 12.90 -13.31
C ARG B 510 21.43 12.36 -14.15
N PHE B 511 21.48 12.74 -15.42
CA PHE B 511 22.62 12.44 -16.26
C PHE B 511 23.96 12.84 -15.65
N LYS B 512 24.02 13.96 -14.94
CA LYS B 512 25.28 14.36 -14.30
C LYS B 512 25.64 13.38 -13.23
N LEU B 513 24.61 12.89 -12.53
CA LEU B 513 24.87 12.00 -11.42
C LEU B 513 25.44 10.70 -11.96
N ARG B 514 24.79 10.23 -12.99
CA ARG B 514 25.15 8.98 -13.61
C ARG B 514 26.58 9.06 -14.17
N GLU B 515 26.88 10.21 -14.75
CA GLU B 515 28.21 10.41 -15.36
C GLU B 515 29.31 10.60 -14.33
N GLY B 516 28.96 10.75 -13.05
CA GLY B 516 29.99 10.72 -11.98
C GLY B 516 30.53 12.11 -11.58
N VAL B 517 29.86 13.15 -12.02
CA VAL B 517 30.27 14.53 -11.69
C VAL B 517 30.41 14.79 -10.18
N LEU B 518 29.55 14.18 -9.34
CA LEU B 518 29.67 14.29 -7.88
C LEU B 518 30.30 13.10 -7.19
N GLY B 519 30.97 12.30 -7.97
CA GLY B 519 31.36 11.03 -7.53
C GLY B 519 30.17 10.08 -7.53
#